data_4ZR8
#
_entry.id   4ZR8
#
_cell.length_a   65.540
_cell.length_b   83.380
_cell.length_c   68.460
_cell.angle_alpha   90.000
_cell.angle_beta   106.970
_cell.angle_gamma   90.000
#
_symmetry.space_group_name_H-M   'P 1 21 1'
#
loop_
_entity.id
_entity.type
_entity.pdbx_description
1 polymer 'Uroporphyrinogen decarboxylase'
2 non-polymer 'MAGNESIUM ION'
3 non-polymer 1,2-ETHANEDIOL
4 non-polymer 'CHLORIDE ION'
5 water water
#
_entity_poly.entity_id   1
_entity_poly.type   'polypeptide(L)'
_entity_poly.pdbx_seq_one_letter_code
;MAHHHHHHMTTLKNDRFLRALLREPVDTTPIWMMRQAGRYLPEYRETRSKAGDFLSLCKNTEFACEVTLQPLRRYDLDAA
ILFSDILTIPDALGLGLYFETGEGPKFHKTVRTEQDVANLPKLNAKADLDYVMNAVSTIRSALGGQVPLIGFSGSPWTLA
TYMVEGGSSKEFRFTKQMMYAQPEVLHALLDHLADSVIDYLNAQIDAGAQAIQIFDSWGGALAHREYVEFSLNYMKKIIA
GLQREKDGRRIPVIVFTKGGGQWLEPMITTGADALGLDWTTPLNTARTTVAGRVALQGNLDPAVLYGSAASIEKAVKAML
DDAYANGEKTGYVANLGHGITQWVDPAQPKIFVDTVHEYSAKYLG
;
_entity_poly.pdbx_strand_id   A,B
#
loop_
_chem_comp.id
_chem_comp.type
_chem_comp.name
_chem_comp.formula
CL non-polymer 'CHLORIDE ION' 'Cl -1'
EDO non-polymer 1,2-ETHANEDIOL 'C2 H6 O2'
MG non-polymer 'MAGNESIUM ION' 'Mg 2'
#
# COMPACT_ATOMS: atom_id res chain seq x y z
N THR A 11 -31.40 25.01 5.64
CA THR A 11 -30.45 25.69 6.51
C THR A 11 -29.46 24.72 7.14
N LEU A 12 -28.21 25.15 7.21
CA LEU A 12 -27.20 24.41 7.95
C LEU A 12 -26.68 25.30 9.06
N LYS A 13 -26.63 24.76 10.28
CA LYS A 13 -26.11 25.51 11.41
C LYS A 13 -24.58 25.58 11.34
N ASN A 14 -23.99 24.64 10.61
CA ASN A 14 -22.55 24.53 10.46
C ASN A 14 -22.23 24.00 9.07
N ASP A 15 -21.65 24.82 8.21
CA ASP A 15 -21.31 24.38 6.86
C ASP A 15 -19.83 24.57 6.50
N ARG A 16 -18.97 24.72 7.50
CA ARG A 16 -17.56 24.99 7.21
C ARG A 16 -16.91 23.85 6.41
N PHE A 17 -17.35 22.60 6.63
CA PHE A 17 -16.87 21.47 5.83
C PHE A 17 -17.09 21.69 4.33
N LEU A 18 -18.30 22.11 3.96
CA LEU A 18 -18.63 22.33 2.55
C LEU A 18 -17.80 23.48 1.97
N ARG A 19 -17.69 24.56 2.73
CA ARG A 19 -16.91 25.72 2.31
C ARG A 19 -15.45 25.35 2.06
N ALA A 20 -14.86 24.59 2.97
CA ALA A 20 -13.45 24.22 2.79
C ALA A 20 -13.24 23.37 1.53
N LEU A 21 -14.15 22.44 1.26
CA LEU A 21 -14.06 21.59 0.06
C LEU A 21 -14.11 22.45 -1.21
N LEU A 22 -14.78 23.59 -1.11
CA LEU A 22 -14.97 24.49 -2.25
C LEU A 22 -13.96 25.63 -2.25
N ARG A 23 -12.97 25.55 -1.37
CA ARG A 23 -11.91 26.56 -1.25
C ARG A 23 -12.49 27.95 -0.94
N GLU A 24 -13.55 27.96 -0.16
CA GLU A 24 -14.16 29.19 0.35
C GLU A 24 -13.64 29.47 1.75
N PRO A 25 -13.63 30.74 2.16
CA PRO A 25 -13.09 31.11 3.47
C PRO A 25 -13.82 30.41 4.63
N VAL A 26 -13.04 29.96 5.61
CA VAL A 26 -13.60 29.29 6.78
C VAL A 26 -13.04 29.90 8.06
N ASP A 27 -13.79 29.75 9.15
CA ASP A 27 -13.39 30.32 10.44
C ASP A 27 -12.36 29.47 11.17
N THR A 28 -12.39 28.16 10.91
CA THR A 28 -11.44 27.22 11.49
C THR A 28 -11.41 26.00 10.59
N THR A 29 -10.43 25.12 10.79
CA THR A 29 -10.30 23.93 9.98
C THR A 29 -11.41 22.94 10.27
N PRO A 30 -12.20 22.55 9.25
CA PRO A 30 -13.19 21.51 9.49
C PRO A 30 -12.57 20.13 9.68
N ILE A 31 -13.27 19.26 10.40
CA ILE A 31 -12.81 17.89 10.60
C ILE A 31 -13.98 16.91 10.66
N TRP A 32 -13.81 15.77 10.00
CA TRP A 32 -14.62 14.59 10.30
C TRP A 32 -13.67 13.39 10.22
N MET A 33 -14.14 12.21 10.57
CA MET A 33 -13.28 11.02 10.63
C MET A 33 -13.91 9.87 9.87
N MET A 34 -13.17 9.30 8.93
CA MET A 34 -13.66 8.09 8.27
C MET A 34 -13.97 7.02 9.33
N ARG A 35 -15.12 6.37 9.14
CA ARG A 35 -15.66 5.34 10.03
CA ARG A 35 -15.64 5.33 10.04
C ARG A 35 -15.86 5.88 11.45
N GLN A 36 -16.23 7.15 11.55
CA GLN A 36 -16.47 7.74 12.87
C GLN A 36 -17.62 7.05 13.60
N ALA A 37 -18.51 6.39 12.86
CA ALA A 37 -19.46 5.46 13.48
C ALA A 37 -18.90 4.05 13.33
N GLY A 38 -18.56 3.41 14.43
CA GLY A 38 -18.00 2.08 14.36
C GLY A 38 -17.69 1.44 15.69
N ARG A 39 -17.07 0.26 15.63
CA ARG A 39 -16.90 -0.62 16.78
C ARG A 39 -16.12 -0.04 17.95
N TYR A 40 -15.32 0.99 17.70
CA TYR A 40 -14.54 1.60 18.78
C TYR A 40 -15.48 2.30 19.78
N LEU A 41 -16.71 2.59 19.37
CA LEU A 41 -17.69 3.19 20.28
C LEU A 41 -18.51 2.13 20.99
N PRO A 42 -18.56 2.18 22.33
CA PRO A 42 -19.38 1.19 23.04
C PRO A 42 -20.85 1.31 22.70
N GLU A 43 -21.33 2.53 22.40
CA GLU A 43 -22.75 2.68 22.11
C GLU A 43 -23.06 2.08 20.71
N TYR A 44 -22.06 2.08 19.83
CA TYR A 44 -22.20 1.37 18.55
C TYR A 44 -22.35 -0.12 18.81
N ARG A 45 -21.49 -0.66 19.65
CA ARG A 45 -21.50 -2.09 19.91
C ARG A 45 -22.83 -2.53 20.53
N GLU A 46 -23.40 -1.68 21.38
CA GLU A 46 -24.70 -1.99 21.99
C GLU A 46 -25.80 -2.01 20.94
N THR A 47 -25.86 -0.96 20.11
CA THR A 47 -26.87 -0.89 19.05
C THR A 47 -26.69 -2.07 18.09
N ARG A 48 -25.43 -2.38 17.77
CA ARG A 48 -25.09 -3.47 16.88
C ARG A 48 -25.55 -4.83 17.42
N SER A 49 -25.46 -5.00 18.74
CA SER A 49 -25.83 -6.28 19.35
C SER A 49 -27.34 -6.51 19.26
N LYS A 50 -28.09 -5.45 18.99
CA LYS A 50 -29.54 -5.54 18.87
C LYS A 50 -29.95 -5.79 17.43
N ALA A 51 -28.99 -5.70 16.52
CA ALA A 51 -29.26 -5.80 15.08
C ALA A 51 -28.96 -7.19 14.53
N GLY A 52 -27.85 -7.78 14.95
CA GLY A 52 -27.43 -9.08 14.45
C GLY A 52 -27.03 -9.06 12.99
N LEU A 55 -25.02 -6.77 7.75
CA LEU A 55 -25.90 -6.39 6.64
C LEU A 55 -27.25 -5.91 7.16
N SER A 56 -27.85 -6.69 8.05
CA SER A 56 -29.10 -6.32 8.70
C SER A 56 -28.98 -4.92 9.30
N LEU A 57 -27.79 -4.64 9.81
CA LEU A 57 -27.44 -3.32 10.31
C LEU A 57 -27.68 -2.24 9.25
N CYS A 58 -27.09 -2.44 8.07
CA CYS A 58 -27.20 -1.46 7.00
C CYS A 58 -28.61 -1.32 6.44
N LYS A 59 -29.35 -2.42 6.47
CA LYS A 59 -30.71 -2.43 5.93
C LYS A 59 -31.74 -2.01 6.97
N ASN A 60 -31.30 -1.92 8.22
CA ASN A 60 -32.17 -1.43 9.29
C ASN A 60 -32.00 0.07 9.36
N THR A 61 -32.97 0.80 8.83
CA THR A 61 -32.86 2.25 8.74
C THR A 61 -32.75 2.88 10.12
N GLU A 62 -33.51 2.36 11.07
CA GLU A 62 -33.46 2.84 12.43
C GLU A 62 -32.06 2.71 13.03
N PHE A 63 -31.45 1.53 12.86
CA PHE A 63 -30.08 1.25 13.32
CA PHE A 63 -30.13 1.33 13.41
C PHE A 63 -29.08 2.15 12.63
N ALA A 64 -29.20 2.20 11.30
CA ALA A 64 -28.26 2.96 10.49
C ALA A 64 -28.28 4.44 10.88
N CYS A 65 -29.47 4.99 11.06
CA CYS A 65 -29.60 6.37 11.49
C CYS A 65 -29.00 6.56 12.87
N GLU A 66 -29.34 5.67 13.81
CA GLU A 66 -28.87 5.79 15.18
C GLU A 66 -27.34 5.82 15.26
N VAL A 67 -26.67 4.89 14.58
CA VAL A 67 -25.21 4.85 14.73
C VAL A 67 -24.55 6.02 14.02
N THR A 68 -25.18 6.54 12.98
CA THR A 68 -24.65 7.71 12.29
C THR A 68 -24.57 8.91 13.23
N LEU A 69 -25.59 9.06 14.08
CA LEU A 69 -25.66 10.20 14.97
C LEU A 69 -24.75 10.08 16.19
N GLN A 70 -24.41 8.85 16.58
CA GLN A 70 -23.68 8.62 17.83
C GLN A 70 -22.35 9.41 17.94
N PRO A 71 -21.48 9.36 16.90
CA PRO A 71 -20.24 10.13 17.07
C PRO A 71 -20.46 11.65 17.18
N LEU A 72 -21.55 12.16 16.61
CA LEU A 72 -21.82 13.59 16.66
CA LEU A 72 -21.81 13.59 16.67
C LEU A 72 -22.24 14.05 18.06
N ARG A 73 -22.79 13.12 18.84
CA ARG A 73 -23.17 13.42 20.22
C ARG A 73 -21.92 13.49 21.09
N ARG A 74 -20.88 12.82 20.64
CA ARG A 74 -19.67 12.63 21.43
C ARG A 74 -18.57 13.65 21.07
N TYR A 75 -18.48 13.96 19.78
CA TYR A 75 -17.40 14.80 19.26
C TYR A 75 -17.96 15.97 18.46
N ASP A 76 -17.25 17.10 18.48
CA ASP A 76 -17.69 18.29 17.75
CA ASP A 76 -17.69 18.30 17.77
C ASP A 76 -17.30 18.22 16.30
N LEU A 77 -17.75 17.17 15.61
CA LEU A 77 -17.41 16.95 14.21
C LEU A 77 -18.16 17.89 13.27
N ASP A 78 -17.58 18.13 12.10
CA ASP A 78 -18.16 19.10 11.15
C ASP A 78 -18.92 18.44 10.00
N ALA A 79 -19.09 17.12 10.06
CA ALA A 79 -19.87 16.40 9.06
C ALA A 79 -20.35 15.07 9.62
N ALA A 80 -21.46 14.58 9.09
CA ALA A 80 -21.90 13.21 9.33
C ALA A 80 -21.69 12.43 8.04
N ILE A 81 -21.44 11.14 8.13
CA ILE A 81 -21.42 10.34 6.91
C ILE A 81 -22.45 9.22 7.04
N LEU A 82 -23.19 9.02 5.95
CA LEU A 82 -24.13 7.91 5.85
C LEU A 82 -23.53 6.62 6.36
N PHE A 83 -24.18 5.95 7.30
CA PHE A 83 -23.71 4.62 7.68
C PHE A 83 -24.23 3.60 6.67
N SER A 84 -23.31 3.02 5.91
CA SER A 84 -23.67 1.99 4.94
C SER A 84 -22.41 1.21 4.59
N ASP A 85 -22.42 0.56 3.44
CA ASP A 85 -21.24 -0.16 2.98
C ASP A 85 -21.11 0.05 1.48
N ILE A 86 -19.88 0.11 0.96
CA ILE A 86 -19.73 0.23 -0.48
C ILE A 86 -20.28 -0.99 -1.23
N LEU A 87 -20.38 -2.12 -0.54
CA LEU A 87 -20.76 -3.35 -1.22
C LEU A 87 -22.27 -3.51 -1.41
N THR A 88 -23.03 -2.47 -1.08
CA THR A 88 -24.46 -2.49 -1.37
C THR A 88 -24.71 -2.68 -2.87
N ILE A 89 -23.90 -2.07 -3.72
CA ILE A 89 -24.13 -2.15 -5.16
C ILE A 89 -23.94 -3.59 -5.69
N PRO A 90 -22.78 -4.23 -5.41
CA PRO A 90 -22.70 -5.60 -5.93
C PRO A 90 -23.70 -6.57 -5.29
N ASP A 91 -24.12 -6.31 -4.05
CA ASP A 91 -25.20 -7.12 -3.47
C ASP A 91 -26.48 -6.95 -4.27
N ALA A 92 -26.81 -5.70 -4.58
CA ALA A 92 -28.04 -5.40 -5.34
C ALA A 92 -27.96 -5.97 -6.76
N LEU A 93 -26.75 -6.11 -7.28
CA LEU A 93 -26.54 -6.70 -8.60
C LEU A 93 -26.66 -8.23 -8.57
N GLY A 94 -26.83 -8.79 -7.37
CA GLY A 94 -27.18 -10.20 -7.22
C GLY A 94 -26.04 -11.19 -6.95
N LEU A 95 -24.90 -10.70 -6.50
CA LEU A 95 -23.75 -11.58 -6.30
CA LEU A 95 -23.75 -11.59 -6.29
C LEU A 95 -23.74 -12.28 -4.93
N GLY A 96 -24.69 -11.92 -4.06
CA GLY A 96 -24.82 -12.57 -2.77
C GLY A 96 -23.79 -12.24 -1.70
N LEU A 97 -23.89 -11.03 -1.16
CA LEU A 97 -22.98 -10.57 -0.11
C LEU A 97 -23.20 -11.30 1.21
N TYR A 98 -22.12 -11.72 1.84
CA TYR A 98 -22.18 -12.20 3.21
C TYR A 98 -20.86 -11.90 3.92
N PHE A 99 -20.84 -12.06 5.24
CA PHE A 99 -19.64 -11.76 6.00
C PHE A 99 -19.14 -12.98 6.74
N GLU A 100 -17.89 -13.36 6.50
CA GLU A 100 -17.26 -14.46 7.20
C GLU A 100 -16.51 -13.93 8.41
N THR A 101 -16.69 -14.59 9.56
CA THR A 101 -16.06 -14.16 10.80
C THR A 101 -14.54 -14.17 10.67
N GLY A 102 -13.92 -13.01 10.90
CA GLY A 102 -12.48 -12.90 10.85
C GLY A 102 -11.86 -12.90 9.46
N GLU A 103 -12.69 -12.91 8.43
CA GLU A 103 -12.20 -12.91 7.06
C GLU A 103 -12.74 -11.73 6.24
N GLY A 104 -13.84 -11.15 6.70
CA GLY A 104 -14.43 -10.00 6.04
C GLY A 104 -15.54 -10.32 5.07
N PRO A 105 -15.85 -9.37 4.18
CA PRO A 105 -16.94 -9.52 3.23
C PRO A 105 -16.63 -10.55 2.14
N LYS A 106 -17.65 -11.30 1.71
CA LYS A 106 -17.52 -12.30 0.65
C LYS A 106 -18.72 -12.27 -0.29
N PHE A 107 -18.53 -12.77 -1.51
CA PHE A 107 -19.65 -12.99 -2.43
C PHE A 107 -19.72 -14.45 -2.84
N HIS A 108 -20.95 -14.99 -2.89
CA HIS A 108 -21.14 -16.36 -3.34
C HIS A 108 -20.85 -16.49 -4.83
N LYS A 109 -21.25 -15.47 -5.60
CA LYS A 109 -21.02 -15.46 -7.03
C LYS A 109 -19.92 -14.48 -7.37
N THR A 110 -19.08 -14.83 -8.34
CA THR A 110 -18.06 -13.92 -8.82
C THR A 110 -18.23 -13.63 -10.30
N VAL A 111 -17.64 -12.52 -10.74
CA VAL A 111 -17.60 -12.14 -12.14
C VAL A 111 -16.25 -12.53 -12.71
N ARG A 112 -16.23 -13.45 -13.68
CA ARG A 112 -14.98 -13.94 -14.24
C ARG A 112 -14.93 -13.92 -15.76
N THR A 113 -16.09 -13.94 -16.40
CA THR A 113 -16.16 -14.09 -17.85
C THR A 113 -16.96 -12.97 -18.49
N GLU A 114 -16.83 -12.85 -19.81
CA GLU A 114 -17.61 -11.90 -20.59
C GLU A 114 -19.11 -12.10 -20.35
N GLN A 115 -19.51 -13.36 -20.28
CA GLN A 115 -20.93 -13.68 -20.07
C GLN A 115 -21.40 -13.24 -18.68
N ASP A 116 -20.53 -13.39 -17.69
CA ASP A 116 -20.86 -12.92 -16.33
C ASP A 116 -21.14 -11.44 -16.33
N VAL A 117 -20.33 -10.67 -17.06
CA VAL A 117 -20.53 -9.24 -17.11
C VAL A 117 -21.86 -8.93 -17.82
N ALA A 118 -22.12 -9.60 -18.93
CA ALA A 118 -23.33 -9.36 -19.70
C ALA A 118 -24.59 -9.67 -18.89
N ASN A 119 -24.47 -10.59 -17.94
CA ASN A 119 -25.60 -11.04 -17.13
C ASN A 119 -25.94 -10.11 -15.96
N LEU A 120 -25.04 -9.19 -15.64
CA LEU A 120 -25.31 -8.22 -14.57
C LEU A 120 -26.55 -7.41 -14.92
N PRO A 121 -27.48 -7.29 -13.95
CA PRO A 121 -28.71 -6.55 -14.21
C PRO A 121 -28.51 -5.04 -14.15
N LYS A 122 -29.47 -4.28 -14.69
CA LYS A 122 -29.43 -2.84 -14.51
C LYS A 122 -29.99 -2.47 -13.14
N LEU A 123 -29.21 -1.66 -12.41
CA LEU A 123 -29.62 -1.18 -11.10
C LEU A 123 -30.71 -0.10 -11.21
N ASN A 124 -31.79 -0.25 -10.44
CA ASN A 124 -32.72 0.86 -10.19
C ASN A 124 -32.44 1.32 -8.77
N ALA A 125 -31.53 2.29 -8.61
CA ALA A 125 -30.95 2.59 -7.29
C ALA A 125 -32.00 2.94 -6.24
N LYS A 126 -32.97 3.77 -6.60
CA LYS A 126 -33.95 4.23 -5.62
C LYS A 126 -34.80 3.10 -5.08
N ALA A 127 -34.96 2.03 -5.87
CA ALA A 127 -35.79 0.90 -5.48
C ALA A 127 -34.93 -0.25 -4.94
N ASP A 128 -33.94 -0.67 -5.71
CA ASP A 128 -33.11 -1.81 -5.34
C ASP A 128 -32.30 -1.52 -4.09
N LEU A 129 -31.96 -0.25 -3.90
CA LEU A 129 -31.22 0.18 -2.72
C LEU A 129 -32.04 1.23 -1.97
N ASP A 130 -33.35 0.98 -1.89
CA ASP A 130 -34.24 1.90 -1.20
C ASP A 130 -33.83 2.06 0.25
N TYR A 131 -33.29 1.00 0.86
CA TYR A 131 -32.92 1.09 2.27
C TYR A 131 -31.78 2.09 2.48
N VAL A 132 -30.92 2.26 1.47
CA VAL A 132 -29.86 3.26 1.57
C VAL A 132 -30.47 4.65 1.50
N MET A 133 -31.40 4.85 0.57
CA MET A 133 -32.02 6.16 0.41
C MET A 133 -32.84 6.53 1.63
N ASN A 134 -33.52 5.54 2.21
CA ASN A 134 -34.29 5.78 3.44
C ASN A 134 -33.36 6.16 4.59
N ALA A 135 -32.17 5.57 4.64
CA ALA A 135 -31.19 5.94 5.66
C ALA A 135 -30.75 7.39 5.44
N VAL A 136 -30.41 7.74 4.20
CA VAL A 136 -30.02 9.12 3.88
C VAL A 136 -31.08 10.13 4.31
N SER A 137 -32.34 9.90 3.94
CA SER A 137 -33.39 10.87 4.24
CA SER A 137 -33.41 10.85 4.24
C SER A 137 -33.70 10.92 5.74
N THR A 138 -33.67 9.77 6.41
CA THR A 138 -33.95 9.71 7.84
C THR A 138 -32.84 10.41 8.63
N ILE A 139 -31.60 10.21 8.21
CA ILE A 139 -30.47 10.86 8.87
C ILE A 139 -30.53 12.37 8.64
N ARG A 140 -30.80 12.77 7.40
CA ARG A 140 -30.89 14.19 7.08
C ARG A 140 -31.93 14.87 7.98
N SER A 141 -33.08 14.23 8.20
CA SER A 141 -34.10 14.79 9.08
CA SER A 141 -34.11 14.79 9.08
C SER A 141 -33.63 14.83 10.53
N ALA A 142 -33.02 13.73 10.98
CA ALA A 142 -32.59 13.63 12.38
C ALA A 142 -31.49 14.64 12.71
N LEU A 143 -30.66 14.97 11.73
CA LEU A 143 -29.59 15.94 11.94
C LEU A 143 -30.11 17.35 12.19
N GLY A 144 -31.30 17.64 11.69
CA GLY A 144 -31.90 18.95 11.90
C GLY A 144 -31.01 20.12 11.52
N GLY A 145 -30.20 19.92 10.48
CA GLY A 145 -29.31 20.95 9.98
C GLY A 145 -28.03 21.16 10.77
N GLN A 146 -27.74 20.27 11.71
CA GLN A 146 -26.59 20.44 12.60
C GLN A 146 -25.28 20.52 11.80
N VAL A 147 -25.08 19.55 10.92
CA VAL A 147 -23.89 19.46 10.07
C VAL A 147 -24.32 18.86 8.73
N PRO A 148 -23.50 19.04 7.68
CA PRO A 148 -23.83 18.42 6.39
C PRO A 148 -23.70 16.89 6.42
N LEU A 149 -24.48 16.23 5.57
CA LEU A 149 -24.47 14.79 5.44
C LEU A 149 -23.72 14.35 4.19
N ILE A 150 -22.71 13.50 4.38
CA ILE A 150 -21.94 12.94 3.28
C ILE A 150 -22.58 11.65 2.77
N GLY A 151 -22.82 11.58 1.47
CA GLY A 151 -23.17 10.34 0.81
C GLY A 151 -21.93 9.75 0.14
N PHE A 152 -21.96 8.48 -0.22
CA PHE A 152 -20.73 7.86 -0.74
C PHE A 152 -20.98 6.59 -1.53
N SER A 153 -19.95 6.20 -2.29
CA SER A 153 -19.94 4.96 -3.03
C SER A 153 -18.50 4.47 -3.14
N GLY A 154 -18.34 3.18 -3.36
CA GLY A 154 -17.05 2.69 -3.82
C GLY A 154 -16.83 3.10 -5.28
N SER A 155 -15.57 3.15 -5.69
CA SER A 155 -15.24 3.40 -7.09
C SER A 155 -15.49 2.15 -7.94
N PRO A 156 -15.65 2.31 -9.26
CA PRO A 156 -15.80 1.12 -10.09
C PRO A 156 -14.65 0.12 -9.96
N TRP A 157 -13.40 0.57 -9.95
CA TRP A 157 -12.28 -0.38 -9.79
C TRP A 157 -12.37 -1.14 -8.47
N THR A 158 -12.62 -0.40 -7.39
CA THR A 158 -12.61 -1.01 -6.08
C THR A 158 -13.78 -1.99 -5.93
N LEU A 159 -14.96 -1.62 -6.42
CA LEU A 159 -16.10 -2.54 -6.44
C LEU A 159 -15.78 -3.78 -7.29
N ALA A 160 -15.12 -3.57 -8.42
CA ALA A 160 -14.75 -4.67 -9.30
C ALA A 160 -13.87 -5.71 -8.60
N THR A 161 -12.90 -5.26 -7.79
CA THR A 161 -12.03 -6.22 -7.12
C THR A 161 -12.84 -7.16 -6.24
N TYR A 162 -13.83 -6.64 -5.51
CA TYR A 162 -14.64 -7.50 -4.66
C TYR A 162 -15.51 -8.46 -5.49
N MET A 163 -16.02 -7.98 -6.61
CA MET A 163 -16.89 -8.79 -7.48
C MET A 163 -16.13 -9.89 -8.20
N VAL A 164 -14.87 -9.63 -8.53
CA VAL A 164 -14.07 -10.60 -9.27
C VAL A 164 -13.37 -11.56 -8.32
N GLU A 165 -12.74 -11.04 -7.25
CA GLU A 165 -12.07 -11.92 -6.30
C GLU A 165 -13.07 -12.70 -5.46
N GLY A 166 -14.22 -12.10 -5.18
CA GLY A 166 -15.20 -12.72 -4.31
C GLY A 166 -15.08 -12.34 -2.84
N GLY A 167 -14.30 -11.29 -2.57
CA GLY A 167 -14.09 -10.83 -1.21
C GLY A 167 -12.83 -10.02 -1.12
N SER A 168 -12.29 -9.88 0.09
CA SER A 168 -11.01 -9.19 0.29
C SER A 168 -9.89 -9.96 -0.38
N SER A 169 -8.84 -9.24 -0.75
CA SER A 169 -7.75 -9.82 -1.51
C SER A 169 -6.46 -9.06 -1.23
N LYS A 170 -5.35 -9.79 -1.11
CA LYS A 170 -4.07 -9.14 -0.92
C LYS A 170 -3.39 -8.82 -2.25
N GLU A 171 -3.53 -9.70 -3.24
CA GLU A 171 -2.81 -9.63 -4.52
CA GLU A 171 -2.81 -9.47 -4.48
C GLU A 171 -3.71 -9.25 -5.69
N PHE A 172 -5.03 -9.42 -5.54
CA PHE A 172 -5.97 -9.16 -6.63
C PHE A 172 -5.68 -10.01 -7.86
N ARG A 173 -5.46 -11.31 -7.63
CA ARG A 173 -5.11 -12.24 -8.69
C ARG A 173 -6.09 -12.23 -9.87
N PHE A 174 -7.38 -12.44 -9.59
CA PHE A 174 -8.31 -12.61 -10.71
C PHE A 174 -8.68 -11.28 -11.38
N THR A 175 -8.69 -10.19 -10.62
CA THR A 175 -9.03 -8.90 -11.21
C THR A 175 -7.88 -8.42 -12.09
N LYS A 176 -6.64 -8.58 -11.62
CA LYS A 176 -5.49 -8.18 -12.43
C LYS A 176 -5.29 -9.14 -13.61
N GLN A 177 -5.56 -10.43 -13.42
CA GLN A 177 -5.53 -11.34 -14.56
C GLN A 177 -6.51 -10.87 -15.64
N MET A 178 -7.72 -10.49 -15.21
CA MET A 178 -8.70 -10.00 -16.16
C MET A 178 -8.20 -8.72 -16.84
N MET A 179 -7.62 -7.83 -16.05
CA MET A 179 -7.09 -6.57 -16.58
C MET A 179 -6.05 -6.79 -17.67
N TYR A 180 -5.16 -7.76 -17.47
CA TYR A 180 -4.09 -7.96 -18.45
C TYR A 180 -4.42 -8.99 -19.54
N ALA A 181 -5.26 -9.98 -19.24
CA ALA A 181 -5.59 -11.01 -20.22
C ALA A 181 -6.88 -10.71 -20.98
N GLN A 182 -7.84 -10.08 -20.32
CA GLN A 182 -9.12 -9.75 -20.92
C GLN A 182 -9.55 -8.30 -20.63
N PRO A 183 -8.73 -7.32 -21.02
CA PRO A 183 -9.03 -5.93 -20.65
C PRO A 183 -10.40 -5.45 -21.13
N GLU A 184 -10.86 -5.91 -22.28
CA GLU A 184 -12.17 -5.51 -22.81
C GLU A 184 -13.29 -5.96 -21.87
N VAL A 185 -13.10 -7.11 -21.22
CA VAL A 185 -14.09 -7.63 -20.28
C VAL A 185 -14.09 -6.81 -18.99
N LEU A 186 -12.91 -6.45 -18.49
CA LEU A 186 -12.84 -5.62 -17.31
C LEU A 186 -13.43 -4.24 -17.59
N HIS A 187 -13.15 -3.69 -18.77
CA HIS A 187 -13.73 -2.40 -19.15
C HIS A 187 -15.27 -2.45 -19.17
N ALA A 188 -15.84 -3.54 -19.67
CA ALA A 188 -17.29 -3.67 -19.67
C ALA A 188 -17.85 -3.72 -18.24
N LEU A 189 -17.15 -4.40 -17.36
CA LEU A 189 -17.55 -4.46 -15.95
C LEU A 189 -17.48 -3.08 -15.32
N LEU A 190 -16.35 -2.40 -15.54
CA LEU A 190 -16.14 -1.06 -14.98
C LEU A 190 -17.19 -0.07 -15.50
N ASP A 191 -17.54 -0.18 -16.78
CA ASP A 191 -18.53 0.72 -17.34
C ASP A 191 -19.91 0.50 -16.73
N HIS A 192 -20.28 -0.77 -16.55
CA HIS A 192 -21.54 -1.11 -15.89
C HIS A 192 -21.56 -0.53 -14.48
N LEU A 193 -20.44 -0.65 -13.79
CA LEU A 193 -20.34 -0.14 -12.42
C LEU A 193 -20.39 1.39 -12.38
N ALA A 194 -19.74 2.04 -13.36
CA ALA A 194 -19.78 3.50 -13.41
C ALA A 194 -21.22 4.00 -13.56
N ASP A 195 -21.97 3.38 -14.47
CA ASP A 195 -23.37 3.76 -14.65
C ASP A 195 -24.17 3.52 -13.37
N SER A 196 -23.91 2.38 -12.72
CA SER A 196 -24.59 2.05 -11.46
C SER A 196 -24.28 3.08 -10.38
N VAL A 197 -23.01 3.47 -10.28
CA VAL A 197 -22.61 4.41 -9.25
C VAL A 197 -23.19 5.80 -9.50
N ILE A 198 -23.26 6.23 -10.77
CA ILE A 198 -23.91 7.52 -11.09
C ILE A 198 -25.35 7.54 -10.55
N ASP A 199 -26.09 6.49 -10.85
CA ASP A 199 -27.48 6.41 -10.43
C ASP A 199 -27.60 6.33 -8.90
N TYR A 200 -26.72 5.56 -8.28
CA TYR A 200 -26.66 5.41 -6.83
C TYR A 200 -26.38 6.73 -6.12
N LEU A 201 -25.34 7.42 -6.56
CA LEU A 201 -24.98 8.71 -5.95
C LEU A 201 -26.03 9.79 -6.21
N ASN A 202 -26.58 9.84 -7.43
CA ASN A 202 -27.62 10.83 -7.70
C ASN A 202 -28.87 10.54 -6.86
N ALA A 203 -29.18 9.26 -6.64
CA ALA A 203 -30.30 8.92 -5.77
C ALA A 203 -30.05 9.35 -4.33
N GLN A 204 -28.80 9.25 -3.88
CA GLN A 204 -28.46 9.71 -2.53
C GLN A 204 -28.61 11.22 -2.43
N ILE A 205 -28.22 11.93 -3.48
CA ILE A 205 -28.40 13.38 -3.53
C ILE A 205 -29.88 13.73 -3.46
N ASP A 206 -30.70 13.05 -4.26
CA ASP A 206 -32.14 13.27 -4.23
C ASP A 206 -32.71 13.06 -2.82
N ALA A 207 -32.13 12.09 -2.10
CA ALA A 207 -32.61 11.72 -0.76
C ALA A 207 -32.09 12.65 0.34
N GLY A 208 -31.11 13.49 0.02
CA GLY A 208 -30.63 14.49 0.97
C GLY A 208 -29.12 14.60 1.21
N ALA A 209 -28.31 13.82 0.51
CA ALA A 209 -26.85 13.95 0.67
C ALA A 209 -26.39 15.34 0.21
N GLN A 210 -25.48 15.94 0.97
CA GLN A 210 -25.03 17.31 0.71
C GLN A 210 -23.57 17.41 0.26
N ALA A 211 -22.86 16.29 0.34
CA ALA A 211 -21.51 16.13 -0.19
C ALA A 211 -21.35 14.69 -0.61
N ILE A 212 -20.39 14.40 -1.49
CA ILE A 212 -20.20 13.04 -1.99
C ILE A 212 -18.74 12.64 -1.88
N GLN A 213 -18.48 11.44 -1.36
CA GLN A 213 -17.12 10.89 -1.42
C GLN A 213 -17.11 9.58 -2.21
N ILE A 214 -16.15 9.46 -3.13
CA ILE A 214 -15.93 8.22 -3.84
C ILE A 214 -14.71 7.54 -3.23
N PHE A 215 -14.93 6.35 -2.70
CA PHE A 215 -13.88 5.59 -2.02
C PHE A 215 -13.25 4.60 -3.00
N ASP A 216 -12.06 4.92 -3.49
CA ASP A 216 -11.31 4.04 -4.37
C ASP A 216 -10.28 3.29 -3.52
N SER A 217 -10.78 2.51 -2.57
CA SER A 217 -9.98 1.93 -1.51
C SER A 217 -8.83 1.05 -2.01
N TRP A 218 -8.99 0.44 -3.17
CA TRP A 218 -7.93 -0.44 -3.69
C TRP A 218 -7.30 0.05 -5.00
N GLY A 219 -7.57 1.30 -5.36
CA GLY A 219 -6.91 1.87 -6.53
C GLY A 219 -5.39 1.94 -6.40
N GLY A 220 -4.90 2.00 -5.17
CA GLY A 220 -3.46 2.03 -4.92
C GLY A 220 -2.74 0.73 -5.28
N ALA A 221 -3.49 -0.30 -5.61
CA ALA A 221 -2.90 -1.57 -6.02
C ALA A 221 -2.46 -1.54 -7.49
N LEU A 222 -2.96 -0.57 -8.24
CA LEU A 222 -2.75 -0.52 -9.68
C LEU A 222 -1.39 0.05 -10.09
N ALA A 223 -0.81 -0.53 -11.14
CA ALA A 223 0.35 0.08 -11.81
C ALA A 223 -0.04 1.46 -12.32
N HIS A 224 0.90 2.38 -12.44
CA HIS A 224 0.51 3.79 -12.61
C HIS A 224 -0.32 4.07 -13.88
N ARG A 225 0.00 3.47 -15.01
CA ARG A 225 -0.79 3.74 -16.21
C ARG A 225 -2.16 3.05 -16.10
N GLU A 226 -2.19 1.88 -15.48
CA GLU A 226 -3.43 1.16 -15.31
C GLU A 226 -4.37 1.86 -14.31
N TYR A 227 -3.81 2.64 -13.39
CA TYR A 227 -4.66 3.44 -12.51
C TYR A 227 -5.50 4.40 -13.33
N VAL A 228 -4.88 5.04 -14.32
CA VAL A 228 -5.61 5.98 -15.14
C VAL A 228 -6.68 5.24 -15.95
N GLU A 229 -6.29 4.18 -16.63
CA GLU A 229 -7.17 3.50 -17.56
C GLU A 229 -8.32 2.75 -16.88
N PHE A 230 -8.02 2.10 -15.75
CA PHE A 230 -8.97 1.20 -15.14
C PHE A 230 -9.58 1.69 -13.82
N SER A 231 -9.15 2.83 -13.32
CA SER A 231 -9.82 3.42 -12.15
C SER A 231 -10.17 4.89 -12.35
N LEU A 232 -9.16 5.75 -12.54
CA LEU A 232 -9.35 7.19 -12.65
C LEU A 232 -10.40 7.57 -13.69
N ASN A 233 -10.27 7.05 -14.91
CA ASN A 233 -11.17 7.46 -15.99
C ASN A 233 -12.63 7.14 -15.67
N TYR A 234 -12.87 6.09 -14.86
CA TYR A 234 -14.24 5.75 -14.51
C TYR A 234 -14.76 6.65 -13.40
N MET A 235 -13.90 7.12 -12.52
CA MET A 235 -14.32 8.12 -11.55
C MET A 235 -14.62 9.47 -12.24
N LYS A 236 -13.83 9.78 -13.25
CA LYS A 236 -14.07 10.98 -14.07
CA LYS A 236 -14.07 10.97 -14.08
C LYS A 236 -15.45 10.92 -14.74
N LYS A 237 -15.78 9.76 -15.31
CA LYS A 237 -17.08 9.55 -15.93
C LYS A 237 -18.21 9.71 -14.91
N ILE A 238 -18.04 9.16 -13.71
CA ILE A 238 -19.07 9.29 -12.67
C ILE A 238 -19.32 10.76 -12.31
N ILE A 239 -18.25 11.51 -12.06
CA ILE A 239 -18.39 12.89 -11.64
C ILE A 239 -19.06 13.73 -12.72
N ALA A 240 -18.79 13.44 -13.99
CA ALA A 240 -19.42 14.15 -15.10
C ALA A 240 -20.94 13.94 -15.12
N GLY A 241 -21.40 12.86 -14.50
CA GLY A 241 -22.82 12.53 -14.48
C GLY A 241 -23.57 12.90 -13.20
N LEU A 242 -22.88 13.47 -12.22
CA LEU A 242 -23.50 13.85 -10.95
C LEU A 242 -24.20 15.20 -10.98
N GLN A 243 -25.31 15.30 -10.25
CA GLN A 243 -25.92 16.59 -9.96
C GLN A 243 -24.91 17.46 -9.23
N ARG A 244 -24.75 18.70 -9.71
CA ARG A 244 -23.73 19.63 -9.21
C ARG A 244 -24.21 20.44 -8.02
N GLU A 245 -25.51 20.69 -7.97
CA GLU A 245 -26.10 21.54 -6.93
C GLU A 245 -27.46 21.03 -6.51
N LYS A 246 -27.87 21.36 -5.30
CA LYS A 246 -29.22 21.08 -4.84
CA LYS A 246 -29.20 21.03 -4.81
C LYS A 246 -29.58 21.99 -3.68
N ASP A 247 -30.82 22.45 -3.67
CA ASP A 247 -31.32 23.35 -2.62
C ASP A 247 -30.42 24.57 -2.43
N GLY A 248 -29.93 25.12 -3.54
CA GLY A 248 -29.18 26.37 -3.52
C GLY A 248 -27.73 26.26 -3.07
N ARG A 249 -27.25 25.03 -2.91
CA ARG A 249 -25.86 24.78 -2.51
C ARG A 249 -25.17 23.85 -3.51
N ARG A 250 -23.90 24.09 -3.81
CA ARG A 250 -23.11 23.13 -4.56
CA ARG A 250 -23.13 23.11 -4.57
C ARG A 250 -22.92 21.86 -3.73
N ILE A 251 -22.83 20.73 -4.41
CA ILE A 251 -22.56 19.45 -3.77
C ILE A 251 -21.13 19.07 -4.08
N PRO A 252 -20.21 19.31 -3.12
CA PRO A 252 -18.80 19.02 -3.40
C PRO A 252 -18.53 17.52 -3.51
N VAL A 253 -17.56 17.15 -4.33
CA VAL A 253 -17.20 15.74 -4.53
C VAL A 253 -15.76 15.52 -4.13
N ILE A 254 -15.55 14.50 -3.30
CA ILE A 254 -14.23 14.08 -2.85
C ILE A 254 -13.86 12.76 -3.52
N VAL A 255 -12.67 12.69 -4.12
CA VAL A 255 -12.13 11.42 -4.60
C VAL A 255 -11.02 10.99 -3.66
N PHE A 256 -11.07 9.74 -3.20
CA PHE A 256 -10.02 9.23 -2.31
C PHE A 256 -9.50 7.88 -2.81
N THR A 257 -8.27 7.88 -3.33
CA THR A 257 -7.54 6.66 -3.63
C THR A 257 -6.44 6.50 -2.58
N LYS A 258 -6.68 5.63 -1.60
CA LYS A 258 -5.64 5.32 -0.62
C LYS A 258 -4.43 4.75 -1.39
N GLY A 259 -3.23 5.19 -1.02
CA GLY A 259 -2.03 4.75 -1.72
C GLY A 259 -1.82 5.42 -3.07
N GLY A 260 -2.60 6.46 -3.35
CA GLY A 260 -2.51 7.13 -4.64
C GLY A 260 -1.73 8.43 -4.65
N GLY A 261 -0.95 8.70 -3.60
CA GLY A 261 -0.23 9.96 -3.47
C GLY A 261 0.73 10.33 -4.59
N GLN A 262 1.26 9.34 -5.30
CA GLN A 262 2.14 9.60 -6.45
C GLN A 262 1.36 10.12 -7.66
N TRP A 263 0.04 10.09 -7.58
CA TRP A 263 -0.81 10.33 -8.74
C TRP A 263 -1.72 11.55 -8.61
N LEU A 264 -1.30 12.54 -7.81
CA LEU A 264 -2.18 13.68 -7.55
C LEU A 264 -2.50 14.48 -8.81
N GLU A 265 -1.52 14.69 -9.66
CA GLU A 265 -1.77 15.51 -10.85
C GLU A 265 -2.84 14.83 -11.74
N PRO A 266 -2.67 13.54 -12.07
CA PRO A 266 -3.75 12.87 -12.82
C PRO A 266 -5.10 12.91 -12.10
N MET A 267 -5.08 12.76 -10.78
CA MET A 267 -6.32 12.74 -9.99
CA MET A 267 -6.32 12.72 -10.01
C MET A 267 -7.14 14.00 -10.14
N ILE A 268 -6.46 15.12 -10.35
CA ILE A 268 -7.15 16.39 -10.51
C ILE A 268 -8.10 16.31 -11.71
N THR A 269 -7.72 15.55 -12.73
CA THR A 269 -8.52 15.48 -13.96
C THR A 269 -9.84 14.71 -13.79
N THR A 270 -10.06 14.10 -12.62
CA THR A 270 -11.37 13.51 -12.34
C THR A 270 -12.46 14.57 -12.30
N GLY A 271 -12.09 15.80 -12.02
CA GLY A 271 -13.04 16.89 -11.84
C GLY A 271 -13.52 17.02 -10.40
N ALA A 272 -12.96 16.23 -9.50
CA ALA A 272 -13.32 16.31 -8.09
C ALA A 272 -13.00 17.69 -7.51
N ASP A 273 -13.78 18.11 -6.52
CA ASP A 273 -13.49 19.34 -5.80
C ASP A 273 -12.33 19.15 -4.82
N ALA A 274 -12.20 17.92 -4.31
CA ALA A 274 -11.21 17.64 -3.26
C ALA A 274 -10.65 16.25 -3.44
N LEU A 275 -9.39 16.07 -3.00
CA LEU A 275 -8.74 14.76 -3.01
C LEU A 275 -8.38 14.34 -1.59
N GLY A 276 -8.65 13.09 -1.27
CA GLY A 276 -8.21 12.54 0.01
C GLY A 276 -6.78 12.04 -0.02
N LEU A 277 -6.12 12.13 1.13
CA LEU A 277 -4.73 11.71 1.29
C LEU A 277 -4.57 10.78 2.47
N ASP A 278 -3.64 9.85 2.38
CA ASP A 278 -3.29 9.04 3.54
C ASP A 278 -1.99 9.56 4.16
N TRP A 279 -1.56 8.92 5.24
CA TRP A 279 -0.46 9.40 6.07
C TRP A 279 0.92 9.31 5.42
N THR A 280 1.02 8.55 4.32
CA THR A 280 2.31 8.42 3.63
C THR A 280 2.63 9.67 2.79
N THR A 281 1.61 10.47 2.48
CA THR A 281 1.80 11.68 1.66
C THR A 281 2.06 12.92 2.52
N PRO A 282 3.20 13.60 2.31
CA PRO A 282 3.41 14.85 3.04
C PRO A 282 2.37 15.89 2.64
N LEU A 283 1.63 16.43 3.59
CA LEU A 283 0.59 17.42 3.28
CA LEU A 283 0.59 17.39 3.27
C LEU A 283 1.16 18.66 2.64
N ASN A 284 2.36 19.06 3.05
CA ASN A 284 2.94 20.28 2.50
C ASN A 284 3.27 20.10 1.02
N THR A 285 3.84 18.96 0.63
CA THR A 285 4.18 18.80 -0.78
C THR A 285 2.91 18.60 -1.62
N ALA A 286 1.90 17.96 -1.04
CA ALA A 286 0.63 17.79 -1.73
C ALA A 286 -0.02 19.15 -1.97
N ARG A 287 0.02 20.01 -0.97
CA ARG A 287 -0.55 21.35 -1.11
C ARG A 287 0.17 22.13 -2.20
N THR A 288 1.49 22.02 -2.27
CA THR A 288 2.27 22.71 -3.28
CA THR A 288 2.21 22.77 -3.28
C THR A 288 1.98 22.19 -4.67
N THR A 289 1.85 20.87 -4.78
CA THR A 289 1.57 20.25 -6.07
C THR A 289 0.21 20.68 -6.62
N VAL A 290 -0.85 20.56 -5.81
CA VAL A 290 -2.18 20.90 -6.35
C VAL A 290 -2.37 22.40 -6.52
N ALA A 291 -1.59 23.20 -5.79
CA ALA A 291 -1.52 24.65 -6.01
C ALA A 291 -2.90 25.33 -6.05
N GLY A 292 -3.76 24.97 -5.12
CA GLY A 292 -5.06 25.60 -5.01
C GLY A 292 -6.11 25.20 -6.03
N ARG A 293 -5.86 24.15 -6.81
CA ARG A 293 -6.80 23.71 -7.84
C ARG A 293 -7.86 22.74 -7.29
N VAL A 294 -7.57 22.11 -6.17
CA VAL A 294 -8.51 21.27 -5.42
C VAL A 294 -8.24 21.44 -3.95
N ALA A 295 -9.25 21.13 -3.13
CA ALA A 295 -9.05 21.03 -1.69
C ALA A 295 -8.43 19.66 -1.38
N LEU A 296 -7.83 19.53 -0.20
CA LEU A 296 -7.26 18.27 0.26
C LEU A 296 -7.86 17.86 1.59
N GLN A 297 -8.07 16.57 1.76
CA GLN A 297 -8.63 16.00 2.99
C GLN A 297 -7.70 14.92 3.54
N GLY A 298 -7.45 14.94 4.85
CA GLY A 298 -6.58 13.97 5.48
C GLY A 298 -5.74 14.60 6.57
N ASN A 299 -4.67 13.93 7.04
CA ASN A 299 -4.25 12.62 6.55
C ASN A 299 -3.68 11.78 7.69
N LEU A 300 -4.19 11.98 8.90
CA LEU A 300 -3.55 11.39 10.08
C LEU A 300 -3.65 9.86 10.16
N ASP A 301 -2.54 9.19 10.50
CA ASP A 301 -2.60 7.75 10.79
C ASP A 301 -3.44 7.56 12.05
N PRO A 302 -4.51 6.73 11.97
CA PRO A 302 -5.31 6.57 13.19
C PRO A 302 -4.51 6.00 14.37
N ALA A 303 -3.39 5.33 14.10
CA ALA A 303 -2.58 4.78 15.17
C ALA A 303 -1.94 5.89 16.01
N VAL A 304 -1.85 7.11 15.48
CA VAL A 304 -1.42 8.25 16.28
C VAL A 304 -2.25 8.36 17.55
N LEU A 305 -3.53 7.98 17.45
CA LEU A 305 -4.45 8.07 18.58
C LEU A 305 -4.16 7.03 19.68
N TYR A 306 -3.20 6.13 19.42
CA TYR A 306 -2.75 5.17 20.42
C TYR A 306 -1.77 5.79 21.41
N GLY A 307 -1.29 7.00 21.09
CA GLY A 307 -0.33 7.67 21.96
C GLY A 307 -0.98 8.46 23.08
N SER A 308 -0.19 9.17 23.84
CA SER A 308 -0.69 10.02 24.92
C SER A 308 -1.45 11.22 24.38
N ALA A 309 -2.25 11.85 25.24
CA ALA A 309 -2.96 13.06 24.89
C ALA A 309 -2.00 14.15 24.39
N ALA A 310 -0.90 14.32 25.09
CA ALA A 310 0.09 15.32 24.73
C ALA A 310 0.70 15.03 23.35
N SER A 311 0.95 13.75 23.08
CA SER A 311 1.56 13.38 21.81
C SER A 311 0.58 13.57 20.64
N ILE A 312 -0.70 13.28 20.88
CA ILE A 312 -1.71 13.49 19.85
C ILE A 312 -1.78 14.98 19.48
N GLU A 313 -1.82 15.82 20.50
CA GLU A 313 -1.89 17.27 20.30
C GLU A 313 -0.69 17.76 19.49
N LYS A 314 0.49 17.23 19.80
CA LYS A 314 1.71 17.58 19.08
C LYS A 314 1.64 17.14 17.61
N ALA A 315 1.20 15.91 17.39
CA ALA A 315 1.12 15.33 16.05
C ALA A 315 0.13 16.07 15.17
N VAL A 316 -1.02 16.42 15.75
CA VAL A 316 -2.06 17.12 15.01
C VAL A 316 -1.59 18.53 14.65
N LYS A 317 -0.87 19.18 15.56
CA LYS A 317 -0.34 20.51 15.29
C LYS A 317 0.65 20.47 14.12
N ALA A 318 1.48 19.44 14.08
CA ALA A 318 2.46 19.28 13.01
C ALA A 318 1.76 19.08 11.67
N MET A 319 0.66 18.33 11.68
CA MET A 319 -0.12 18.10 10.47
C MET A 319 -0.72 19.41 9.95
N LEU A 320 -1.29 20.20 10.85
CA LEU A 320 -1.83 21.49 10.43
C LEU A 320 -0.72 22.44 9.98
N ASP A 321 0.45 22.37 10.62
CA ASP A 321 1.59 23.15 10.18
C ASP A 321 1.90 22.82 8.70
N ASP A 322 1.84 21.53 8.35
CA ASP A 322 2.10 21.12 6.97
C ASP A 322 1.02 21.67 6.04
N ALA A 323 -0.24 21.61 6.49
CA ALA A 323 -1.36 22.03 5.65
C ALA A 323 -1.30 23.53 5.34
N TYR A 324 -0.76 24.30 6.27
CA TYR A 324 -0.84 25.75 6.15
C TYR A 324 0.53 26.42 5.92
N ALA A 325 1.55 25.60 5.74
CA ALA A 325 2.91 26.09 5.53
C ALA A 325 3.02 27.00 4.30
N ASN A 326 2.20 26.74 3.29
CA ASN A 326 2.29 27.50 2.05
C ASN A 326 1.51 28.81 2.09
N GLY A 327 0.96 29.15 3.26
CA GLY A 327 0.24 30.40 3.42
C GLY A 327 -1.19 30.39 2.91
N GLU A 328 -1.61 29.24 2.40
CA GLU A 328 -2.96 29.06 1.86
C GLU A 328 -3.94 28.85 3.02
N LYS A 329 -5.01 29.65 3.08
CA LYS A 329 -5.88 29.66 4.26
C LYS A 329 -7.20 28.90 4.09
N THR A 330 -7.34 28.28 2.91
N THR A 330 -7.41 28.24 2.96
CA THR A 330 -8.53 27.57 2.48
CA THR A 330 -8.54 27.31 2.91
C THR A 330 -8.17 26.18 1.94
C THR A 330 -8.19 26.17 1.97
N GLY A 331 -9.18 25.36 1.65
CA GLY A 331 -8.96 24.14 0.90
C GLY A 331 -8.40 22.97 1.67
N TYR A 332 -8.58 22.96 2.99
CA TYR A 332 -8.10 21.84 3.81
C TYR A 332 -9.19 21.36 4.78
N VAL A 333 -9.44 20.05 4.74
CA VAL A 333 -10.29 19.38 5.72
C VAL A 333 -9.47 18.33 6.45
N ALA A 334 -9.38 18.45 7.78
CA ALA A 334 -8.64 17.46 8.55
C ALA A 334 -9.46 16.16 8.64
N ASN A 335 -8.76 15.03 8.60
CA ASN A 335 -9.38 13.72 8.68
C ASN A 335 -8.25 12.76 8.97
N LEU A 336 -8.59 11.51 9.24
CA LEU A 336 -7.63 10.43 9.24
C LEU A 336 -7.25 10.10 7.79
N GLY A 337 -6.24 9.23 7.61
CA GLY A 337 -5.88 8.74 6.29
C GLY A 337 -6.56 7.43 5.93
N HIS A 338 -7.37 6.92 6.86
CA HIS A 338 -8.15 5.70 6.66
C HIS A 338 -9.20 5.65 7.78
N GLY A 339 -10.03 4.62 7.80
CA GLY A 339 -11.02 4.50 8.85
C GLY A 339 -10.42 4.36 10.25
N ILE A 340 -11.07 4.95 11.23
CA ILE A 340 -10.62 4.76 12.61
C ILE A 340 -10.69 3.27 12.95
N THR A 341 -9.69 2.78 13.68
CA THR A 341 -9.65 1.36 13.98
C THR A 341 -10.57 1.00 15.15
N GLN A 342 -10.83 -0.30 15.34
CA GLN A 342 -11.72 -0.70 16.42
C GLN A 342 -11.04 -0.60 17.78
N TRP A 343 -9.72 -0.35 17.78
CA TRP A 343 -8.94 -0.36 19.02
C TRP A 343 -8.75 1.02 19.65
N VAL A 344 -9.14 2.07 18.95
CA VAL A 344 -8.96 3.42 19.47
C VAL A 344 -9.83 3.65 20.72
N ASP A 345 -9.20 4.20 21.75
CA ASP A 345 -9.88 4.68 22.96
C ASP A 345 -10.78 5.86 22.59
N PRO A 346 -12.09 5.76 22.88
CA PRO A 346 -13.04 6.83 22.53
C PRO A 346 -12.71 8.22 23.10
N ALA A 347 -11.83 8.30 24.10
CA ALA A 347 -11.43 9.59 24.63
C ALA A 347 -10.57 10.34 23.61
N GLN A 348 -9.85 9.59 22.77
CA GLN A 348 -8.78 10.18 21.97
C GLN A 348 -9.23 11.04 20.78
N PRO A 349 -10.30 10.65 20.07
CA PRO A 349 -10.67 11.55 18.96
C PRO A 349 -11.10 12.94 19.42
N LYS A 350 -11.52 13.11 20.67
CA LYS A 350 -11.87 14.45 21.14
C LYS A 350 -10.63 15.36 21.11
N ILE A 351 -9.49 14.79 21.47
CA ILE A 351 -8.24 15.56 21.46
C ILE A 351 -7.90 15.98 20.03
N PHE A 352 -8.08 15.05 19.09
CA PHE A 352 -7.90 15.32 17.67
C PHE A 352 -8.79 16.47 17.22
N VAL A 353 -10.09 16.33 17.41
CA VAL A 353 -11.06 17.33 16.97
C VAL A 353 -10.80 18.71 17.61
N ASP A 354 -10.61 18.74 18.92
CA ASP A 354 -10.47 20.02 19.61
C ASP A 354 -9.15 20.71 19.24
N THR A 355 -8.08 19.94 19.06
CA THR A 355 -6.81 20.51 18.64
C THR A 355 -6.90 21.12 17.24
N VAL A 356 -7.57 20.41 16.33
CA VAL A 356 -7.76 20.94 14.98
C VAL A 356 -8.47 22.28 15.04
N HIS A 357 -9.55 22.35 15.82
CA HIS A 357 -10.35 23.56 15.86
C HIS A 357 -9.60 24.72 16.52
N GLU A 358 -8.90 24.43 17.60
CA GLU A 358 -8.27 25.49 18.38
C GLU A 358 -6.96 25.99 17.77
N TYR A 359 -6.11 25.06 17.36
CA TYR A 359 -4.79 25.41 16.82
C TYR A 359 -4.90 26.15 15.49
N SER A 360 -6.01 25.97 14.78
CA SER A 360 -6.22 26.65 13.51
C SER A 360 -6.11 28.17 13.61
N ALA A 361 -6.35 28.72 14.81
CA ALA A 361 -6.28 30.16 15.02
C ALA A 361 -4.91 30.75 14.68
N LYS A 362 -3.88 29.91 14.78
CA LYS A 362 -2.53 30.31 14.40
C LYS A 362 -2.47 30.74 12.92
N TYR A 363 -3.27 30.09 12.09
CA TYR A 363 -3.23 30.33 10.65
C TYR A 363 -4.46 31.03 10.11
N LEU A 364 -5.60 30.86 10.77
CA LEU A 364 -6.86 31.35 10.24
C LEU A 364 -7.42 32.51 11.07
N GLY A 365 -6.78 32.78 12.20
CA GLY A 365 -7.21 33.87 13.07
C GLY A 365 -8.24 33.46 14.11
N LEU B 12 34.07 -13.44 -12.43
CA LEU B 12 32.70 -13.43 -12.91
C LEU B 12 32.66 -13.38 -14.43
N LYS B 13 32.06 -14.40 -15.04
CA LYS B 13 31.87 -14.42 -16.49
C LYS B 13 30.85 -13.36 -16.89
N ASN B 14 29.87 -13.15 -16.02
CA ASN B 14 28.82 -12.16 -16.25
C ASN B 14 28.68 -11.29 -15.01
N ASP B 15 28.95 -9.99 -15.15
CA ASP B 15 28.78 -9.09 -14.00
C ASP B 15 27.95 -7.84 -14.37
N ARG B 16 27.16 -7.94 -15.44
CA ARG B 16 26.40 -6.76 -15.88
C ARG B 16 25.44 -6.24 -14.79
N PHE B 17 24.88 -7.14 -13.98
CA PHE B 17 24.06 -6.77 -12.83
C PHE B 17 24.81 -5.82 -11.90
N LEU B 18 26.04 -6.17 -11.53
CA LEU B 18 26.83 -5.32 -10.64
C LEU B 18 27.18 -3.99 -11.31
N ARG B 19 27.57 -4.05 -12.58
CA ARG B 19 27.89 -2.83 -13.33
C ARG B 19 26.71 -1.86 -13.38
N ALA B 20 25.51 -2.38 -13.67
CA ALA B 20 24.34 -1.50 -13.74
C ALA B 20 24.07 -0.83 -12.39
N LEU B 21 24.12 -1.61 -11.31
CA LEU B 21 23.87 -1.05 -9.98
C LEU B 21 24.88 0.04 -9.61
N LEU B 22 26.09 -0.07 -10.15
CA LEU B 22 27.15 0.89 -9.88
C LEU B 22 27.24 1.98 -10.95
N ARG B 23 26.26 1.97 -11.86
CA ARG B 23 26.16 2.97 -12.93
C ARG B 23 27.42 2.99 -13.81
N GLU B 24 27.94 1.79 -14.04
CA GLU B 24 29.03 1.59 -14.98
C GLU B 24 28.45 1.14 -16.33
N PRO B 25 29.20 1.33 -17.43
CA PRO B 25 28.67 0.90 -18.75
C PRO B 25 28.27 -0.57 -18.79
N VAL B 26 27.15 -0.86 -19.45
CA VAL B 26 26.66 -2.23 -19.58
C VAL B 26 26.32 -2.54 -21.04
N ASP B 27 26.39 -3.82 -21.40
CA ASP B 27 26.11 -4.25 -22.78
C ASP B 27 24.62 -4.38 -23.05
N THR B 28 23.86 -4.74 -22.02
CA THR B 28 22.41 -4.86 -22.13
C THR B 28 21.84 -4.72 -20.72
N THR B 29 20.52 -4.56 -20.61
CA THR B 29 19.90 -4.40 -19.30
C THR B 29 19.93 -5.71 -18.51
N PRO B 30 20.47 -5.67 -17.28
CA PRO B 30 20.43 -6.87 -16.45
C PRO B 30 19.02 -7.13 -15.91
N ILE B 31 18.71 -8.39 -15.61
CA ILE B 31 17.44 -8.73 -14.99
C ILE B 31 17.58 -9.90 -14.03
N TRP B 32 16.91 -9.78 -12.88
CA TRP B 32 16.60 -10.95 -12.06
C TRP B 32 15.19 -10.73 -11.55
N MET B 33 14.63 -11.73 -10.87
CA MET B 33 13.24 -11.62 -10.43
C MET B 33 13.10 -11.99 -8.96
N MET B 34 12.48 -11.11 -8.17
CA MET B 34 12.22 -11.45 -6.78
C MET B 34 11.38 -12.73 -6.72
N ARG B 35 11.75 -13.62 -5.79
CA ARG B 35 11.16 -14.94 -5.62
C ARG B 35 11.28 -15.80 -6.88
N GLN B 36 12.36 -15.63 -7.64
CA GLN B 36 12.54 -16.42 -8.87
C GLN B 36 12.65 -17.92 -8.55
N ALA B 37 13.03 -18.27 -7.33
CA ALA B 37 12.87 -19.63 -6.83
C ALA B 37 11.57 -19.72 -6.03
N GLY B 38 10.61 -20.51 -6.51
CA GLY B 38 9.32 -20.61 -5.84
C GLY B 38 8.33 -21.56 -6.49
N ARG B 39 7.13 -21.60 -5.93
CA ARG B 39 6.12 -22.62 -6.27
C ARG B 39 5.65 -22.61 -7.72
N TYR B 40 5.82 -21.49 -8.43
CA TYR B 40 5.38 -21.43 -9.82
C TYR B 40 6.17 -22.44 -10.67
N LEU B 41 7.36 -22.83 -10.20
CA LEU B 41 8.17 -23.85 -10.88
C LEU B 41 7.81 -25.26 -10.46
N PRO B 42 7.42 -26.11 -11.44
CA PRO B 42 7.14 -27.52 -11.13
C PRO B 42 8.31 -28.22 -10.41
N GLU B 43 9.54 -27.91 -10.81
CA GLU B 43 10.70 -28.53 -10.19
C GLU B 43 10.91 -28.04 -8.76
N TYR B 44 10.45 -26.83 -8.45
CA TYR B 44 10.49 -26.38 -7.07
C TYR B 44 9.56 -27.24 -6.24
N ARG B 45 8.32 -27.41 -6.70
CA ARG B 45 7.34 -28.20 -5.97
C ARG B 45 7.80 -29.65 -5.81
N GLU B 46 8.40 -30.19 -6.87
CA GLU B 46 8.90 -31.57 -6.83
C GLU B 46 10.02 -31.70 -5.82
N THR B 47 10.97 -30.77 -5.86
CA THR B 47 12.06 -30.75 -4.89
C THR B 47 11.50 -30.55 -3.48
N ARG B 48 10.55 -29.63 -3.37
CA ARG B 48 9.93 -29.29 -2.09
C ARG B 48 9.24 -30.48 -1.43
N SER B 49 8.65 -31.35 -2.23
CA SER B 49 7.92 -32.50 -1.70
C SER B 49 8.87 -33.50 -1.03
N LYS B 50 10.11 -33.55 -1.51
CA LYS B 50 11.10 -34.46 -0.95
C LYS B 50 11.62 -33.92 0.38
N ALA B 51 11.42 -32.63 0.60
CA ALA B 51 11.87 -31.99 1.83
C ALA B 51 10.85 -32.20 2.96
N GLY B 52 11.10 -31.59 4.11
CA GLY B 52 10.24 -31.75 5.26
C GLY B 52 9.29 -30.59 5.49
N ASP B 53 9.18 -30.16 6.74
CA ASP B 53 8.31 -29.05 7.12
C ASP B 53 8.77 -27.75 6.47
N PHE B 54 7.87 -26.78 6.41
CA PHE B 54 8.17 -25.49 5.77
C PHE B 54 9.29 -24.74 6.49
N LEU B 55 9.41 -24.97 7.80
CA LEU B 55 10.43 -24.31 8.60
C LEU B 55 11.83 -24.83 8.30
N SER B 56 11.92 -26.11 7.98
CA SER B 56 13.22 -26.78 7.81
C SER B 56 13.83 -26.57 6.42
N LEU B 57 13.10 -25.88 5.56
CA LEU B 57 13.57 -25.64 4.20
C LEU B 57 14.83 -24.77 4.18
N CYS B 58 14.80 -23.69 4.94
CA CYS B 58 15.91 -22.75 4.97
C CYS B 58 17.13 -23.36 5.64
N LYS B 59 16.89 -24.27 6.59
CA LYS B 59 17.96 -24.94 7.31
C LYS B 59 18.47 -26.15 6.53
N ASN B 60 17.75 -26.50 5.47
CA ASN B 60 18.16 -27.57 4.57
C ASN B 60 19.06 -26.97 3.48
N THR B 61 20.37 -27.03 3.68
CA THR B 61 21.32 -26.39 2.78
C THR B 61 21.25 -26.99 1.36
N GLU B 62 21.10 -28.30 1.28
CA GLU B 62 20.94 -28.97 -0.01
C GLU B 62 19.70 -28.45 -0.75
N PHE B 63 18.59 -28.35 -0.04
CA PHE B 63 17.35 -27.86 -0.62
C PHE B 63 17.55 -26.42 -1.08
N ALA B 64 18.11 -25.61 -0.19
CA ALA B 64 18.28 -24.18 -0.45
C ALA B 64 19.10 -23.93 -1.70
N CYS B 65 20.21 -24.65 -1.82
CA CYS B 65 21.09 -24.49 -2.97
C CYS B 65 20.40 -24.96 -4.25
N GLU B 66 19.72 -26.10 -4.15
CA GLU B 66 19.02 -26.66 -5.31
C GLU B 66 17.98 -25.69 -5.88
N VAL B 67 17.07 -25.18 -5.05
CA VAL B 67 16.00 -24.34 -5.59
C VAL B 67 16.55 -22.99 -6.06
N THR B 68 17.65 -22.53 -5.47
CA THR B 68 18.27 -21.28 -5.91
C THR B 68 18.74 -21.40 -7.37
N LEU B 69 19.25 -22.58 -7.71
CA LEU B 69 19.80 -22.80 -9.05
C LEU B 69 18.73 -23.04 -10.12
N GLN B 70 17.57 -23.54 -9.71
CA GLN B 70 16.53 -23.96 -10.65
C GLN B 70 16.10 -22.88 -11.67
N PRO B 71 15.77 -21.64 -11.20
CA PRO B 71 15.39 -20.64 -12.22
C PRO B 71 16.50 -20.30 -13.21
N LEU B 72 17.76 -20.42 -12.79
CA LEU B 72 18.88 -20.14 -13.68
CA LEU B 72 18.88 -20.14 -13.68
C LEU B 72 19.01 -21.16 -14.80
N ARG B 73 18.47 -22.36 -14.60
CA ARG B 73 18.51 -23.38 -15.64
C ARG B 73 17.45 -23.12 -16.70
N ARG B 74 16.37 -22.43 -16.31
CA ARG B 74 15.26 -22.13 -17.22
C ARG B 74 15.41 -20.79 -17.93
N TYR B 75 15.94 -19.81 -17.21
CA TYR B 75 15.94 -18.42 -17.66
C TYR B 75 17.35 -17.86 -17.62
N ASP B 76 17.65 -16.96 -18.56
CA ASP B 76 18.97 -16.35 -18.64
CA ASP B 76 18.97 -16.35 -18.65
C ASP B 76 19.10 -15.19 -17.67
N LEU B 77 18.90 -15.47 -16.39
CA LEU B 77 18.93 -14.42 -15.36
C LEU B 77 20.35 -13.92 -15.11
N ASP B 78 20.47 -12.67 -14.68
CA ASP B 78 21.79 -12.07 -14.47
C ASP B 78 22.25 -12.06 -13.03
N ALA B 79 21.47 -12.69 -12.16
CA ALA B 79 21.85 -12.84 -10.76
C ALA B 79 21.09 -14.00 -10.14
N ALA B 80 21.67 -14.59 -9.11
CA ALA B 80 20.96 -15.52 -8.24
C ALA B 80 20.75 -14.84 -6.89
N ILE B 81 19.69 -15.22 -6.17
CA ILE B 81 19.55 -14.70 -4.82
C ILE B 81 19.49 -15.87 -3.85
N LEU B 82 20.18 -15.69 -2.72
CA LEU B 82 20.12 -16.64 -1.63
C LEU B 82 18.69 -17.05 -1.34
N PHE B 83 18.42 -18.36 -1.33
CA PHE B 83 17.12 -18.81 -0.86
C PHE B 83 17.15 -18.91 0.66
N SER B 84 16.36 -18.06 1.31
CA SER B 84 16.25 -18.04 2.75
C SER B 84 14.99 -17.27 3.12
N ASP B 85 14.93 -16.79 4.35
CA ASP B 85 13.76 -16.06 4.83
C ASP B 85 14.25 -14.89 5.67
N ILE B 86 13.58 -13.75 5.63
CA ILE B 86 14.01 -12.63 6.47
C ILE B 86 13.87 -12.98 7.95
N LEU B 87 13.01 -13.95 8.27
CA LEU B 87 12.69 -14.22 9.67
C LEU B 87 13.73 -15.08 10.40
N THR B 88 14.83 -15.41 9.71
CA THR B 88 15.96 -16.06 10.37
C THR B 88 16.46 -15.28 11.59
N ILE B 89 16.53 -13.96 11.48
CA ILE B 89 17.08 -13.16 12.57
C ILE B 89 16.20 -13.23 13.83
N PRO B 90 14.88 -12.94 13.72
CA PRO B 90 14.12 -13.04 14.99
C PRO B 90 14.05 -14.48 15.56
N ASP B 91 14.09 -15.49 14.69
CA ASP B 91 14.19 -16.85 15.20
C ASP B 91 15.49 -17.07 15.97
N ALA B 92 16.60 -16.59 15.41
CA ALA B 92 17.89 -16.78 16.05
C ALA B 92 17.96 -15.98 17.35
N LEU B 93 17.18 -14.91 17.43
CA LEU B 93 17.13 -14.12 18.66
C LEU B 93 16.24 -14.77 19.73
N GLY B 94 15.66 -15.93 19.41
CA GLY B 94 14.97 -16.75 20.41
C GLY B 94 13.47 -16.62 20.53
N LEU B 95 12.82 -15.99 19.54
CA LEU B 95 11.38 -15.76 19.63
C LEU B 95 10.54 -16.95 19.17
N GLY B 96 11.17 -17.96 18.58
CA GLY B 96 10.49 -19.20 18.25
C GLY B 96 9.57 -19.15 17.05
N LEU B 97 10.17 -19.08 15.86
CA LEU B 97 9.40 -19.06 14.62
C LEU B 97 8.71 -20.41 14.37
N TYR B 98 7.44 -20.35 13.98
CA TYR B 98 6.75 -21.55 13.51
C TYR B 98 5.74 -21.13 12.48
N PHE B 99 5.17 -22.09 11.77
CA PHE B 99 4.19 -21.78 10.74
C PHE B 99 2.86 -22.42 11.04
N GLU B 100 1.81 -21.62 11.00
CA GLU B 100 0.46 -22.10 11.26
C GLU B 100 -0.33 -22.20 9.97
N THR B 101 -0.56 -23.44 9.51
CA THR B 101 -1.36 -23.67 8.32
C THR B 101 -2.82 -23.32 8.60
N GLY B 102 -3.36 -22.36 7.86
CA GLY B 102 -2.62 -21.63 6.85
C GLY B 102 -2.71 -20.14 7.07
N GLU B 103 -2.00 -19.66 8.10
CA GLU B 103 -2.05 -18.26 8.50
C GLU B 103 -0.68 -17.58 8.42
N GLY B 104 0.32 -18.33 7.95
CA GLY B 104 1.65 -17.76 7.77
C GLY B 104 2.55 -17.87 8.99
N PRO B 105 3.61 -17.05 9.03
CA PRO B 105 4.59 -17.15 10.11
C PRO B 105 4.08 -16.62 11.43
N LYS B 106 4.48 -17.27 12.51
CA LYS B 106 4.12 -16.84 13.85
C LYS B 106 5.30 -17.01 14.78
N PHE B 107 5.26 -16.32 15.92
CA PHE B 107 6.29 -16.48 16.94
C PHE B 107 5.69 -16.89 18.28
N HIS B 108 6.41 -17.73 19.00
CA HIS B 108 5.97 -18.19 20.32
C HIS B 108 6.09 -17.09 21.37
N LYS B 109 6.99 -16.13 21.12
CA LYS B 109 7.20 -15.00 22.02
C LYS B 109 7.05 -13.68 21.28
N THR B 110 6.52 -12.66 21.96
CA THR B 110 6.51 -11.31 21.41
C THR B 110 7.29 -10.35 22.30
N VAL B 111 7.73 -9.26 21.68
CA VAL B 111 8.45 -8.20 22.36
C VAL B 111 7.49 -7.04 22.61
N ARG B 112 7.30 -6.68 23.89
CA ARG B 112 6.32 -5.62 24.20
C ARG B 112 6.84 -4.55 25.15
N THR B 113 7.89 -4.85 25.92
CA THR B 113 8.35 -3.94 26.95
C THR B 113 9.80 -3.53 26.82
N GLU B 114 10.18 -2.49 27.55
CA GLU B 114 11.56 -2.03 27.63
C GLU B 114 12.50 -3.17 28.03
N GLN B 115 12.12 -3.94 29.05
CA GLN B 115 12.92 -5.06 29.48
C GLN B 115 12.96 -6.19 28.45
N ASP B 116 11.86 -6.43 27.73
CA ASP B 116 11.87 -7.43 26.66
C ASP B 116 12.98 -7.11 25.65
N VAL B 117 13.08 -5.83 25.29
CA VAL B 117 14.09 -5.42 24.31
C VAL B 117 15.49 -5.57 24.91
N ALA B 118 15.65 -5.15 26.16
CA ALA B 118 16.96 -5.24 26.84
C ALA B 118 17.43 -6.68 26.97
N ASN B 119 16.48 -7.61 27.08
CA ASN B 119 16.80 -9.02 27.28
C ASN B 119 17.15 -9.77 25.99
N LEU B 120 16.98 -9.13 24.83
CA LEU B 120 17.34 -9.78 23.57
C LEU B 120 18.83 -10.09 23.54
N PRO B 121 19.18 -11.30 23.09
CA PRO B 121 20.59 -11.65 22.95
C PRO B 121 21.25 -10.95 21.78
N LYS B 122 22.56 -10.78 21.85
CA LYS B 122 23.31 -10.31 20.70
C LYS B 122 23.38 -11.44 19.68
N LEU B 123 23.08 -11.11 18.42
CA LEU B 123 23.19 -12.07 17.34
C LEU B 123 24.65 -12.34 17.02
N ASN B 124 25.02 -13.62 17.02
CA ASN B 124 26.29 -14.08 16.49
C ASN B 124 25.96 -14.80 15.19
N ALA B 125 25.90 -14.06 14.09
CA ALA B 125 25.30 -14.59 12.87
C ALA B 125 26.06 -15.80 12.33
N LYS B 126 27.39 -15.75 12.37
CA LYS B 126 28.20 -16.82 11.81
C LYS B 126 27.91 -18.16 12.50
N ALA B 127 27.63 -18.11 13.79
CA ALA B 127 27.31 -19.31 14.56
C ALA B 127 25.81 -19.59 14.61
N ASP B 128 25.03 -18.60 15.05
CA ASP B 128 23.59 -18.76 15.24
C ASP B 128 22.85 -19.05 13.94
N LEU B 129 23.35 -18.47 12.85
CA LEU B 129 22.74 -18.63 11.54
C LEU B 129 23.74 -19.25 10.58
N ASP B 130 24.50 -20.22 11.10
CA ASP B 130 25.50 -20.91 10.30
C ASP B 130 24.87 -21.56 9.08
N TYR B 131 23.62 -22.01 9.18
CA TYR B 131 22.97 -22.66 8.06
C TYR B 131 22.72 -21.68 6.91
N VAL B 132 22.53 -20.41 7.22
CA VAL B 132 22.42 -19.39 6.18
C VAL B 132 23.76 -19.21 5.48
N MET B 133 24.84 -19.13 6.26
CA MET B 133 26.16 -18.92 5.67
C MET B 133 26.58 -20.13 4.82
N ASN B 134 26.21 -21.33 5.27
CA ASN B 134 26.51 -22.53 4.49
C ASN B 134 25.77 -22.49 3.17
N ALA B 135 24.54 -21.99 3.18
CA ALA B 135 23.79 -21.86 1.95
C ALA B 135 24.47 -20.87 1.00
N VAL B 136 24.88 -19.71 1.53
CA VAL B 136 25.56 -18.70 0.73
C VAL B 136 26.83 -19.28 0.08
N SER B 137 27.66 -19.93 0.88
CA SER B 137 28.93 -20.45 0.38
CA SER B 137 28.93 -20.45 0.37
CA SER B 137 28.93 -20.45 0.38
C SER B 137 28.72 -21.59 -0.61
N THR B 138 27.77 -22.47 -0.32
CA THR B 138 27.47 -23.59 -1.20
C THR B 138 26.92 -23.10 -2.54
N ILE B 139 26.04 -22.10 -2.50
CA ILE B 139 25.47 -21.55 -3.72
C ILE B 139 26.56 -20.85 -4.53
N ARG B 140 27.38 -20.09 -3.84
CA ARG B 140 28.48 -19.39 -4.50
C ARG B 140 29.38 -20.38 -5.24
N SER B 141 29.64 -21.53 -4.64
CA SER B 141 30.43 -22.57 -5.30
C SER B 141 29.71 -23.12 -6.53
N ALA B 142 28.43 -23.41 -6.36
CA ALA B 142 27.65 -24.04 -7.43
C ALA B 142 27.51 -23.12 -8.64
N LEU B 143 27.46 -21.81 -8.40
CA LEU B 143 27.32 -20.84 -9.47
C LEU B 143 28.55 -20.80 -10.36
N GLY B 144 29.70 -21.21 -9.84
CA GLY B 144 30.91 -21.29 -10.65
C GLY B 144 31.28 -20.00 -11.34
N GLY B 145 30.96 -18.87 -10.71
CA GLY B 145 31.28 -17.56 -11.25
C GLY B 145 30.40 -17.12 -12.42
N GLN B 146 29.36 -17.88 -12.72
CA GLN B 146 28.51 -17.57 -13.88
C GLN B 146 27.79 -16.25 -13.73
N VAL B 147 27.15 -16.04 -12.57
CA VAL B 147 26.44 -14.80 -12.26
C VAL B 147 26.69 -14.47 -10.81
N PRO B 148 26.54 -13.19 -10.43
CA PRO B 148 26.71 -12.82 -9.02
C PRO B 148 25.60 -13.32 -8.11
N LEU B 149 25.95 -13.48 -6.84
CA LEU B 149 25.03 -13.92 -5.81
C LEU B 149 24.61 -12.78 -4.91
N ILE B 150 23.30 -12.62 -4.75
CA ILE B 150 22.72 -11.61 -3.87
C ILE B 150 22.47 -12.19 -2.50
N GLY B 151 23.00 -11.54 -1.46
CA GLY B 151 22.61 -11.81 -0.09
C GLY B 151 21.56 -10.80 0.35
N PHE B 152 20.83 -11.07 1.43
CA PHE B 152 19.75 -10.17 1.80
C PHE B 152 19.35 -10.27 3.27
N SER B 153 18.62 -9.25 3.72
CA SER B 153 18.04 -9.22 5.06
C SER B 153 16.77 -8.40 5.02
N GLY B 154 15.87 -8.64 5.96
CA GLY B 154 14.79 -7.70 6.21
C GLY B 154 15.37 -6.46 6.87
N SER B 155 14.64 -5.36 6.76
CA SER B 155 15.02 -4.12 7.45
C SER B 155 14.67 -4.20 8.93
N PRO B 156 15.29 -3.34 9.76
CA PRO B 156 14.92 -3.33 11.18
C PRO B 156 13.43 -3.05 11.42
N TRP B 157 12.81 -2.10 10.72
CA TRP B 157 11.38 -1.85 10.93
C TRP B 157 10.56 -3.08 10.56
N THR B 158 10.85 -3.67 9.41
CA THR B 158 10.08 -4.82 8.95
C THR B 158 10.24 -6.02 9.91
N LEU B 159 11.47 -6.30 10.35
CA LEU B 159 11.68 -7.35 11.35
C LEU B 159 10.99 -7.04 12.67
N ALA B 160 11.03 -5.76 13.09
CA ALA B 160 10.38 -5.37 14.35
C ALA B 160 8.88 -5.68 14.32
N THR B 161 8.22 -5.48 13.18
CA THR B 161 6.77 -5.75 13.13
C THR B 161 6.48 -7.21 13.47
N TYR B 162 7.29 -8.14 12.96
CA TYR B 162 7.06 -9.56 13.27
C TYR B 162 7.30 -9.84 14.75
N MET B 163 8.29 -9.18 15.33
CA MET B 163 8.65 -9.44 16.72
C MET B 163 7.64 -8.84 17.70
N VAL B 164 6.99 -7.75 17.32
CA VAL B 164 6.04 -7.08 18.21
C VAL B 164 4.61 -7.59 17.99
N GLU B 165 4.21 -7.78 16.73
CA GLU B 165 2.88 -8.34 16.47
C GLU B 165 2.82 -9.82 16.80
N GLY B 166 3.97 -10.50 16.67
CA GLY B 166 4.04 -11.94 16.85
C GLY B 166 3.76 -12.73 15.58
N GLY B 167 3.87 -12.08 14.43
CA GLY B 167 3.58 -12.70 13.16
C GLY B 167 3.18 -11.69 12.10
N SER B 168 2.48 -12.17 11.06
CA SER B 168 1.96 -11.29 10.03
C SER B 168 0.85 -10.38 10.57
N SER B 169 0.65 -9.25 9.90
CA SER B 169 -0.23 -8.19 10.38
C SER B 169 -0.74 -7.34 9.21
N LYS B 170 -2.02 -6.98 9.22
CA LYS B 170 -2.55 -6.10 8.18
C LYS B 170 -2.49 -4.64 8.61
N GLU B 171 -2.55 -4.39 9.91
CA GLU B 171 -2.60 -3.01 10.39
C GLU B 171 -1.38 -2.59 11.21
N PHE B 172 -0.59 -3.56 11.68
CA PHE B 172 0.57 -3.27 12.55
C PHE B 172 0.16 -2.55 13.82
N ARG B 173 -0.95 -3.00 14.40
CA ARG B 173 -1.51 -2.42 15.61
C ARG B 173 -0.50 -2.29 16.77
N PHE B 174 0.16 -3.39 17.12
CA PHE B 174 1.03 -3.33 18.30
C PHE B 174 2.35 -2.60 18.04
N THR B 175 2.87 -2.69 16.82
CA THR B 175 4.14 -2.04 16.53
C THR B 175 3.92 -0.53 16.43
N LYS B 176 2.83 -0.11 15.79
CA LYS B 176 2.51 1.31 15.73
C LYS B 176 2.10 1.84 17.11
N GLN B 177 1.40 1.04 17.92
CA GLN B 177 1.14 1.48 19.29
C GLN B 177 2.46 1.72 20.03
N MET B 178 3.43 0.83 19.86
CA MET B 178 4.71 1.01 20.53
C MET B 178 5.40 2.27 19.99
N MET B 179 5.35 2.47 18.68
CA MET B 179 5.95 3.64 18.04
C MET B 179 5.42 4.96 18.61
N TYR B 180 4.11 5.04 18.83
CA TYR B 180 3.52 6.29 19.29
C TYR B 180 3.44 6.42 20.81
N ALA B 181 3.28 5.29 21.52
CA ALA B 181 3.16 5.32 22.99
C ALA B 181 4.48 5.07 23.71
N GLN B 182 5.35 4.25 23.12
CA GLN B 182 6.64 3.95 23.71
C GLN B 182 7.79 4.08 22.71
N PRO B 183 7.96 5.28 22.13
CA PRO B 183 8.94 5.38 21.03
C PRO B 183 10.37 5.02 21.43
N GLU B 184 10.76 5.26 22.68
CA GLU B 184 12.13 4.94 23.08
C GLU B 184 12.34 3.43 23.12
N VAL B 185 11.27 2.68 23.42
CA VAL B 185 11.33 1.22 23.40
C VAL B 185 11.48 0.71 21.96
N LEU B 186 10.70 1.25 21.03
CA LEU B 186 10.82 0.82 19.65
C LEU B 186 12.21 1.19 19.09
N HIS B 187 12.67 2.40 19.41
CA HIS B 187 14.02 2.79 18.98
C HIS B 187 15.08 1.81 19.48
N ALA B 188 14.95 1.36 20.73
CA ALA B 188 15.93 0.41 21.28
C ALA B 188 15.86 -0.92 20.53
N LEU B 189 14.65 -1.35 20.17
CA LEU B 189 14.47 -2.58 19.40
C LEU B 189 15.08 -2.44 18.01
N LEU B 190 14.77 -1.33 17.33
CA LEU B 190 15.29 -1.04 16.01
C LEU B 190 16.82 -0.98 16.00
N ASP B 191 17.41 -0.37 17.04
CA ASP B 191 18.86 -0.27 17.10
C ASP B 191 19.49 -1.65 17.28
N HIS B 192 18.90 -2.47 18.15
CA HIS B 192 19.36 -3.86 18.31
C HIS B 192 19.30 -4.59 16.98
N LEU B 193 18.18 -4.44 16.26
CA LEU B 193 18.03 -5.10 14.98
C LEU B 193 18.99 -4.58 13.91
N ALA B 194 19.27 -3.28 13.92
CA ALA B 194 20.26 -2.74 12.98
C ALA B 194 21.62 -3.39 13.20
N ASP B 195 22.05 -3.50 14.45
CA ASP B 195 23.31 -4.18 14.74
C ASP B 195 23.28 -5.65 14.32
N SER B 196 22.14 -6.32 14.56
CA SER B 196 21.99 -7.71 14.15
C SER B 196 22.11 -7.85 12.64
N VAL B 197 21.45 -6.95 11.92
CA VAL B 197 21.45 -7.01 10.46
C VAL B 197 22.85 -6.71 9.90
N ILE B 198 23.57 -5.77 10.51
CA ILE B 198 24.97 -5.52 10.12
C ILE B 198 25.80 -6.80 10.25
N ASP B 199 25.66 -7.48 11.39
CA ASP B 199 26.44 -8.70 11.60
C ASP B 199 26.08 -9.78 10.57
N TYR B 200 24.78 -9.93 10.35
CA TYR B 200 24.23 -10.91 9.42
C TYR B 200 24.68 -10.68 7.99
N LEU B 201 24.55 -9.45 7.51
CA LEU B 201 24.90 -9.13 6.14
C LEU B 201 26.41 -9.25 5.92
N ASN B 202 27.19 -8.76 6.88
CA ASN B 202 28.65 -8.86 6.74
C ASN B 202 29.07 -10.33 6.75
N ALA B 203 28.40 -11.16 7.54
CA ALA B 203 28.72 -12.59 7.55
C ALA B 203 28.36 -13.24 6.20
N GLN B 204 27.26 -12.77 5.59
CA GLN B 204 26.91 -13.27 4.26
C GLN B 204 27.94 -12.88 3.21
N ILE B 205 28.44 -11.64 3.29
CA ILE B 205 29.52 -11.21 2.42
C ILE B 205 30.77 -12.09 2.61
N ASP B 206 31.13 -12.33 3.87
CA ASP B 206 32.27 -13.22 4.18
C ASP B 206 32.07 -14.60 3.55
N ALA B 207 30.82 -15.05 3.53
CA ALA B 207 30.49 -16.40 3.02
C ALA B 207 30.36 -16.44 1.50
N GLY B 208 30.33 -15.28 0.85
CA GLY B 208 30.35 -15.25 -0.60
C GLY B 208 29.36 -14.35 -1.34
N ALA B 209 28.51 -13.62 -0.61
CA ALA B 209 27.55 -12.74 -1.27
C ALA B 209 28.28 -11.58 -1.96
N GLN B 210 27.82 -11.23 -3.16
CA GLN B 210 28.51 -10.23 -3.99
C GLN B 210 27.68 -8.96 -4.19
N ALA B 211 26.44 -9.00 -3.73
CA ALA B 211 25.55 -7.83 -3.73
C ALA B 211 24.61 -8.03 -2.55
N ILE B 212 23.99 -6.94 -2.08
CA ILE B 212 23.15 -6.99 -0.89
C ILE B 212 21.84 -6.27 -1.17
N GLN B 213 20.71 -6.90 -0.81
CA GLN B 213 19.43 -6.20 -0.84
C GLN B 213 18.79 -6.20 0.55
N ILE B 214 18.34 -5.01 0.97
CA ILE B 214 17.61 -4.85 2.22
C ILE B 214 16.13 -4.74 1.87
N PHE B 215 15.35 -5.72 2.34
CA PHE B 215 13.91 -5.75 2.07
C PHE B 215 13.16 -5.08 3.21
N ASP B 216 12.69 -3.86 2.97
CA ASP B 216 11.88 -3.14 3.96
C ASP B 216 10.42 -3.36 3.59
N SER B 217 10.00 -4.63 3.66
CA SER B 217 8.71 -5.08 3.12
C SER B 217 7.50 -4.33 3.67
N TRP B 218 7.56 -3.87 4.92
CA TRP B 218 6.39 -3.19 5.50
C TRP B 218 6.66 -1.71 5.82
N GLY B 219 7.77 -1.17 5.32
CA GLY B 219 8.04 0.24 5.54
C GLY B 219 6.98 1.16 4.94
N GLY B 220 6.34 0.70 3.87
CA GLY B 220 5.28 1.48 3.22
C GLY B 220 4.04 1.73 4.08
N ALA B 221 3.96 1.03 5.21
CA ALA B 221 2.85 1.24 6.15
C ALA B 221 3.02 2.51 6.97
N LEU B 222 4.23 3.07 7.01
CA LEU B 222 4.54 4.17 7.91
C LEU B 222 4.13 5.54 7.38
N ALA B 223 3.68 6.40 8.29
CA ALA B 223 3.49 7.82 7.97
C ALA B 223 4.84 8.41 7.54
N HIS B 224 4.84 9.46 6.73
CA HIS B 224 6.07 9.85 6.04
C HIS B 224 7.21 10.27 6.98
N ARG B 225 6.93 11.01 8.05
CA ARG B 225 8.03 11.36 8.97
C ARG B 225 8.50 10.14 9.75
N GLU B 226 7.55 9.28 10.11
CA GLU B 226 7.87 8.07 10.87
C GLU B 226 8.66 7.07 10.03
N TYR B 227 8.47 7.09 8.71
CA TYR B 227 9.31 6.27 7.83
C TYR B 227 10.78 6.64 8.02
N VAL B 228 11.07 7.94 8.06
CA VAL B 228 12.45 8.38 8.22
C VAL B 228 12.99 7.96 9.59
N GLU B 229 12.23 8.27 10.65
CA GLU B 229 12.71 8.07 12.02
C GLU B 229 12.79 6.61 12.41
N PHE B 230 11.82 5.81 11.98
CA PHE B 230 11.69 4.42 12.48
C PHE B 230 12.01 3.35 11.44
N SER B 231 12.32 3.73 10.21
CA SER B 231 12.80 2.74 9.24
C SER B 231 14.07 3.18 8.53
N LEU B 232 13.97 4.28 7.80
CA LEU B 232 15.06 4.72 6.93
CA LEU B 232 15.05 4.76 6.94
C LEU B 232 16.38 4.94 7.67
N ASN B 233 16.34 5.65 8.79
CA ASN B 233 17.58 5.96 9.51
C ASN B 233 18.29 4.70 9.95
N TYR B 234 17.55 3.63 10.22
CA TYR B 234 18.18 2.37 10.62
C TYR B 234 18.77 1.62 9.42
N MET B 235 18.20 1.80 8.23
CA MET B 235 18.84 1.24 7.02
C MET B 235 20.11 2.03 6.69
N LYS B 236 20.09 3.33 6.91
CA LYS B 236 21.28 4.16 6.75
CA LYS B 236 21.28 4.16 6.75
C LYS B 236 22.40 3.69 7.69
N LYS B 237 22.03 3.40 8.94
CA LYS B 237 23.01 2.87 9.90
C LYS B 237 23.60 1.53 9.43
N ILE B 238 22.75 0.65 8.92
CA ILE B 238 23.24 -0.65 8.43
C ILE B 238 24.26 -0.46 7.32
N ILE B 239 23.91 0.36 6.33
CA ILE B 239 24.79 0.52 5.17
C ILE B 239 26.15 1.09 5.59
N ALA B 240 26.15 2.00 6.55
CA ALA B 240 27.39 2.58 7.07
C ALA B 240 28.30 1.51 7.70
N GLY B 241 27.71 0.40 8.13
CA GLY B 241 28.47 -0.68 8.76
C GLY B 241 28.87 -1.82 7.86
N LEU B 242 28.47 -1.79 6.58
CA LEU B 242 28.76 -2.91 5.69
C LEU B 242 30.14 -2.82 5.06
N GLN B 243 30.73 -3.97 4.78
CA GLN B 243 31.91 -4.04 3.90
C GLN B 243 31.55 -3.44 2.56
N ARG B 244 32.39 -2.53 2.08
CA ARG B 244 32.15 -1.83 0.80
C ARG B 244 32.65 -2.63 -0.40
N GLU B 245 33.63 -3.48 -0.17
CA GLU B 245 34.29 -4.20 -1.26
C GLU B 245 34.75 -5.56 -0.77
N LYS B 246 34.94 -6.47 -1.70
CA LYS B 246 35.46 -7.81 -1.42
C LYS B 246 36.05 -8.36 -2.70
N ASP B 247 37.23 -8.97 -2.61
CA ASP B 247 37.89 -9.57 -3.76
C ASP B 247 38.07 -8.58 -4.91
N GLY B 248 38.42 -7.34 -4.59
CA GLY B 248 38.70 -6.32 -5.59
C GLY B 248 37.49 -5.76 -6.30
N ARG B 249 36.31 -5.99 -5.74
CA ARG B 249 35.05 -5.56 -6.35
C ARG B 249 34.16 -4.87 -5.34
N ARG B 250 33.52 -3.76 -5.73
CA ARG B 250 32.53 -3.17 -4.85
CA ARG B 250 32.48 -3.14 -4.90
C ARG B 250 31.34 -4.12 -4.67
N ILE B 251 30.74 -4.05 -3.49
CA ILE B 251 29.53 -4.80 -3.17
C ILE B 251 28.38 -3.83 -3.17
N PRO B 252 27.58 -3.80 -4.26
CA PRO B 252 26.49 -2.82 -4.31
C PRO B 252 25.35 -3.18 -3.36
N VAL B 253 24.70 -2.16 -2.83
CA VAL B 253 23.58 -2.33 -1.91
C VAL B 253 22.31 -1.74 -2.50
N ILE B 254 21.25 -2.54 -2.47
CA ILE B 254 19.92 -2.14 -2.91
C ILE B 254 19.02 -1.97 -1.70
N VAL B 255 18.35 -0.83 -1.58
CA VAL B 255 17.29 -0.66 -0.58
C VAL B 255 15.95 -0.76 -1.29
N PHE B 256 15.04 -1.58 -0.77
CA PHE B 256 13.69 -1.68 -1.35
C PHE B 256 12.60 -1.55 -0.30
N THR B 257 11.89 -0.41 -0.31
CA THR B 257 10.67 -0.25 0.48
C THR B 257 9.48 -0.25 -0.48
N LYS B 258 8.78 -1.37 -0.57
CA LYS B 258 7.59 -1.43 -1.40
C LYS B 258 6.58 -0.41 -0.87
N GLY B 259 5.91 0.28 -1.78
CA GLY B 259 4.98 1.34 -1.38
C GLY B 259 5.65 2.61 -0.90
N GLY B 260 6.97 2.69 -1.08
CA GLY B 260 7.75 3.85 -0.65
C GLY B 260 8.09 4.84 -1.77
N GLY B 261 7.38 4.78 -2.90
CA GLY B 261 7.69 5.60 -4.05
C GLY B 261 7.67 7.11 -3.85
N GLN B 262 6.87 7.60 -2.90
CA GLN B 262 6.84 9.02 -2.58
C GLN B 262 8.10 9.48 -1.85
N TRP B 263 8.93 8.52 -1.43
CA TRP B 263 10.02 8.81 -0.52
C TRP B 263 11.39 8.57 -1.15
N LEU B 264 11.46 8.69 -2.47
CA LEU B 264 12.72 8.46 -3.20
C LEU B 264 13.85 9.34 -2.69
N GLU B 265 13.54 10.60 -2.44
CA GLU B 265 14.59 11.53 -2.06
C GLU B 265 15.20 11.16 -0.69
N PRO B 266 14.37 10.93 0.35
CA PRO B 266 14.93 10.40 1.60
C PRO B 266 15.72 9.10 1.41
N MET B 267 15.23 8.20 0.56
CA MET B 267 15.92 6.93 0.34
CA MET B 267 15.92 6.92 0.40
C MET B 267 17.33 7.08 -0.17
N ILE B 268 17.56 8.14 -0.95
CA ILE B 268 18.91 8.37 -1.47
C ILE B 268 19.87 8.59 -0.31
N THR B 269 19.40 9.20 0.78
CA THR B 269 20.30 9.51 1.91
C THR B 269 20.74 8.28 2.69
N THR B 270 20.20 7.10 2.38
CA THR B 270 20.68 5.87 3.04
C THR B 270 22.10 5.54 2.62
N GLY B 271 22.52 6.04 1.46
CA GLY B 271 23.83 5.71 0.94
C GLY B 271 23.80 4.45 0.09
N ALA B 272 22.60 3.91 -0.13
CA ALA B 272 22.42 2.78 -1.03
C ALA B 272 22.91 3.11 -2.44
N ASP B 273 23.41 2.11 -3.14
CA ASP B 273 23.76 2.27 -4.55
C ASP B 273 22.52 2.29 -5.44
N ALA B 274 21.47 1.59 -5.01
CA ALA B 274 20.29 1.41 -5.84
C ALA B 274 19.04 1.37 -4.99
N LEU B 275 17.92 1.80 -5.59
CA LEU B 275 16.61 1.74 -4.95
C LEU B 275 15.67 0.87 -5.75
N GLY B 276 14.94 0.00 -5.06
CA GLY B 276 13.90 -0.80 -5.68
C GLY B 276 12.58 -0.03 -5.80
N LEU B 277 11.87 -0.28 -6.90
CA LEU B 277 10.59 0.38 -7.18
C LEU B 277 9.49 -0.64 -7.44
N ASP B 278 8.26 -0.32 -7.05
CA ASP B 278 7.12 -1.13 -7.46
C ASP B 278 6.39 -0.44 -8.64
N TRP B 279 5.35 -1.10 -9.12
CA TRP B 279 4.65 -0.70 -10.35
C TRP B 279 3.88 0.61 -10.24
N THR B 280 3.66 1.10 -9.01
CA THR B 280 2.91 2.34 -8.84
C THR B 280 3.77 3.56 -9.17
N THR B 281 5.08 3.38 -9.17
CA THR B 281 6.00 4.48 -9.46
C THR B 281 6.34 4.54 -10.96
N PRO B 282 6.07 5.69 -11.61
CA PRO B 282 6.50 5.82 -13.00
C PRO B 282 8.02 5.78 -13.09
N LEU B 283 8.54 4.85 -13.89
CA LEU B 283 9.98 4.68 -14.00
CA LEU B 283 9.99 4.69 -14.02
C LEU B 283 10.62 5.91 -14.64
N ASN B 284 9.94 6.52 -15.60
CA ASN B 284 10.53 7.68 -16.29
C ASN B 284 10.68 8.86 -15.32
N THR B 285 9.67 9.13 -14.50
CA THR B 285 9.81 10.26 -13.59
C THR B 285 10.78 9.92 -12.43
N ALA B 286 10.83 8.66 -12.01
CA ALA B 286 11.81 8.26 -11.00
C ALA B 286 13.23 8.45 -11.51
N ARG B 287 13.46 8.09 -12.77
CA ARG B 287 14.77 8.29 -13.37
C ARG B 287 15.16 9.76 -13.43
N THR B 288 14.26 10.64 -13.85
CA THR B 288 14.58 12.07 -13.94
CA THR B 288 14.65 12.05 -13.94
C THR B 288 14.79 12.64 -12.54
N THR B 289 13.98 12.19 -11.60
CA THR B 289 14.10 12.66 -10.21
C THR B 289 15.44 12.29 -9.58
N VAL B 290 15.86 11.02 -9.68
CA VAL B 290 17.11 10.64 -9.02
C VAL B 290 18.32 11.16 -9.81
N ALA B 291 18.12 11.42 -11.10
CA ALA B 291 19.15 12.06 -11.95
C ALA B 291 20.54 11.44 -11.81
N GLY B 292 20.60 10.12 -11.93
CA GLY B 292 21.89 9.41 -11.92
C GLY B 292 22.57 9.28 -10.57
N ARG B 293 21.90 9.70 -9.50
CA ARG B 293 22.51 9.66 -8.18
C ARG B 293 22.49 8.26 -7.58
N VAL B 294 21.49 7.47 -7.96
CA VAL B 294 21.40 6.05 -7.59
C VAL B 294 20.89 5.30 -8.81
N ALA B 295 21.14 4.00 -8.84
CA ALA B 295 20.53 3.11 -9.81
C ALA B 295 19.11 2.77 -9.35
N LEU B 296 18.28 2.31 -10.28
CA LEU B 296 16.91 1.91 -9.96
C LEU B 296 16.65 0.48 -10.42
N GLN B 297 15.89 -0.27 -9.62
CA GLN B 297 15.53 -1.66 -9.91
C GLN B 297 14.02 -1.82 -9.88
N GLY B 298 13.46 -2.52 -10.88
CA GLY B 298 12.02 -2.75 -10.96
C GLY B 298 11.53 -2.68 -12.39
N ASN B 299 10.21 -2.52 -12.60
CA ASN B 299 9.22 -2.38 -11.53
C ASN B 299 7.92 -3.06 -11.95
N LEU B 300 8.02 -4.11 -12.76
CA LEU B 300 6.84 -4.69 -13.42
C LEU B 300 5.88 -5.37 -12.44
N ASP B 301 4.58 -5.12 -12.61
CA ASP B 301 3.60 -5.87 -11.82
C ASP B 301 3.67 -7.34 -12.25
N PRO B 302 3.87 -8.27 -11.29
CA PRO B 302 3.91 -9.69 -11.66
C PRO B 302 2.67 -10.15 -12.44
N ALA B 303 1.52 -9.51 -12.23
CA ALA B 303 0.30 -9.91 -12.90
C ALA B 303 0.34 -9.64 -14.41
N VAL B 304 1.28 -8.80 -14.85
CA VAL B 304 1.49 -8.59 -16.29
C VAL B 304 1.75 -9.95 -16.95
N LEU B 305 2.42 -10.84 -16.22
CA LEU B 305 2.76 -12.16 -16.73
C LEU B 305 1.56 -13.10 -16.87
N TYR B 306 0.38 -12.63 -16.44
CA TYR B 306 -0.87 -13.37 -16.64
C TYR B 306 -1.42 -13.14 -18.04
N GLY B 307 -0.88 -12.15 -18.74
CA GLY B 307 -1.32 -11.84 -20.09
C GLY B 307 -0.72 -12.76 -21.15
N SER B 308 -1.05 -12.47 -22.42
CA SER B 308 -0.49 -13.24 -23.52
C SER B 308 0.99 -12.95 -23.70
N ALA B 309 1.69 -13.84 -24.39
CA ALA B 309 3.08 -13.63 -24.74
C ALA B 309 3.28 -12.29 -25.43
N ALA B 310 2.42 -11.99 -26.38
CA ALA B 310 2.50 -10.73 -27.10
C ALA B 310 2.31 -9.52 -26.17
N SER B 311 1.36 -9.62 -25.25
CA SER B 311 1.10 -8.51 -24.33
C SER B 311 2.27 -8.31 -23.35
N ILE B 312 2.93 -9.39 -22.97
CA ILE B 312 4.06 -9.29 -22.05
C ILE B 312 5.20 -8.57 -22.75
N GLU B 313 5.48 -8.99 -23.98
CA GLU B 313 6.53 -8.37 -24.79
C GLU B 313 6.30 -6.86 -24.90
N LYS B 314 5.06 -6.47 -25.22
CA LYS B 314 4.72 -5.06 -25.38
C LYS B 314 4.90 -4.29 -24.08
N ALA B 315 4.44 -4.87 -22.97
CA ALA B 315 4.53 -4.24 -21.66
C ALA B 315 5.99 -4.04 -21.22
N VAL B 316 6.81 -5.03 -21.47
CA VAL B 316 8.21 -4.96 -21.07
C VAL B 316 8.96 -3.91 -21.90
N LYS B 317 8.65 -3.85 -23.19
CA LYS B 317 9.23 -2.81 -24.05
C LYS B 317 8.85 -1.42 -23.55
N ALA B 318 7.59 -1.22 -23.18
CA ALA B 318 7.15 0.05 -22.63
C ALA B 318 7.90 0.42 -21.36
N MET B 319 8.11 -0.56 -20.48
CA MET B 319 8.88 -0.32 -19.26
C MET B 319 10.31 0.11 -19.57
N LEU B 320 10.96 -0.57 -20.51
CA LEU B 320 12.33 -0.19 -20.88
C LEU B 320 12.35 1.19 -21.54
N ASP B 321 11.31 1.52 -22.31
CA ASP B 321 11.21 2.87 -22.87
C ASP B 321 11.21 3.92 -21.75
N ASP B 322 10.46 3.66 -20.69
CA ASP B 322 10.42 4.57 -19.54
C ASP B 322 11.81 4.68 -18.89
N ALA B 323 12.50 3.54 -18.80
CA ALA B 323 13.81 3.49 -18.15
C ALA B 323 14.87 4.26 -18.91
N TYR B 324 14.74 4.32 -20.24
CA TYR B 324 15.82 4.88 -21.04
C TYR B 324 15.42 6.14 -21.80
N ALA B 325 14.22 6.66 -21.50
CA ALA B 325 13.72 7.86 -22.15
C ALA B 325 14.62 9.08 -21.90
N ASN B 326 15.26 9.13 -20.75
CA ASN B 326 16.07 10.30 -20.36
C ASN B 326 17.49 10.26 -20.93
N GLY B 327 17.79 9.23 -21.73
CA GLY B 327 19.09 9.16 -22.39
C GLY B 327 20.19 8.44 -21.63
N GLU B 328 19.91 8.02 -20.40
CA GLU B 328 20.91 7.31 -19.63
C GLU B 328 21.16 5.92 -20.23
N LYS B 329 22.37 5.40 -20.05
CA LYS B 329 22.75 4.12 -20.66
C LYS B 329 23.15 3.07 -19.63
N THR B 330 22.81 3.33 -18.37
CA THR B 330 23.14 2.42 -17.27
C THR B 330 22.25 2.78 -16.09
N GLY B 331 22.50 2.15 -14.94
CA GLY B 331 21.78 2.48 -13.72
C GLY B 331 20.37 1.91 -13.64
N TYR B 332 20.05 0.93 -14.48
CA TYR B 332 18.74 0.28 -14.42
C TYR B 332 18.85 -1.24 -14.44
N VAL B 333 18.22 -1.87 -13.45
CA VAL B 333 18.08 -3.32 -13.41
C VAL B 333 16.60 -3.67 -13.50
N ALA B 334 16.23 -4.41 -14.54
CA ALA B 334 14.83 -4.82 -14.68
C ALA B 334 14.51 -5.90 -13.65
N ASN B 335 13.29 -5.84 -13.11
CA ASN B 335 12.82 -6.77 -12.10
C ASN B 335 11.32 -6.57 -12.02
N LEU B 336 10.65 -7.45 -11.29
CA LEU B 336 9.27 -7.21 -10.90
C LEU B 336 9.24 -6.19 -9.77
N GLY B 337 8.05 -5.71 -9.44
CA GLY B 337 7.89 -4.82 -8.29
C GLY B 337 7.57 -5.56 -7.00
N HIS B 338 7.49 -6.89 -7.08
CA HIS B 338 7.27 -7.77 -5.93
C HIS B 338 7.63 -9.18 -6.40
N GLY B 339 7.47 -10.18 -5.55
CA GLY B 339 7.83 -11.53 -5.95
C GLY B 339 6.94 -12.15 -7.01
N ILE B 340 7.49 -13.03 -7.85
CA ILE B 340 6.71 -13.85 -8.79
CA ILE B 340 6.64 -13.71 -8.80
C ILE B 340 5.63 -14.55 -8.00
N THR B 341 4.39 -14.56 -8.49
CA THR B 341 3.33 -15.25 -7.77
C THR B 341 3.34 -16.74 -8.10
N GLN B 342 2.66 -17.54 -7.28
CA GLN B 342 2.67 -18.98 -7.50
C GLN B 342 1.84 -19.37 -8.71
N TRP B 343 1.08 -18.41 -9.26
CA TRP B 343 0.14 -18.72 -10.33
C TRP B 343 0.71 -18.47 -11.73
N VAL B 344 1.91 -17.91 -11.80
CA VAL B 344 2.50 -17.57 -13.09
C VAL B 344 2.87 -18.84 -13.87
N ASP B 345 2.52 -18.86 -15.15
CA ASP B 345 2.93 -19.89 -16.10
C ASP B 345 4.44 -19.80 -16.31
N PRO B 346 5.19 -20.90 -16.04
CA PRO B 346 6.65 -20.84 -16.14
C PRO B 346 7.21 -20.46 -17.52
N ALA B 347 6.37 -20.49 -18.55
CA ALA B 347 6.80 -20.02 -19.86
C ALA B 347 6.98 -18.50 -19.90
N GLN B 348 6.24 -17.79 -19.05
CA GLN B 348 6.14 -16.34 -19.17
C GLN B 348 7.38 -15.56 -18.72
N PRO B 349 8.04 -15.98 -17.61
CA PRO B 349 9.24 -15.20 -17.26
C PRO B 349 10.33 -15.22 -18.33
N LYS B 350 10.38 -16.26 -19.16
CA LYS B 350 11.33 -16.31 -20.27
C LYS B 350 11.09 -15.16 -21.25
N ILE B 351 9.82 -14.85 -21.52
CA ILE B 351 9.47 -13.72 -22.38
CA ILE B 351 9.50 -13.73 -22.39
C ILE B 351 10.00 -12.42 -21.77
N PHE B 352 9.81 -12.29 -20.47
CA PHE B 352 10.27 -11.12 -19.72
C PHE B 352 11.79 -10.96 -19.89
N VAL B 353 12.53 -12.02 -19.53
CA VAL B 353 14.00 -12.00 -19.56
C VAL B 353 14.52 -11.74 -20.98
N ASP B 354 14.02 -12.50 -21.95
CA ASP B 354 14.54 -12.39 -23.31
C ASP B 354 14.23 -11.02 -23.91
N THR B 355 13.04 -10.49 -23.61
CA THR B 355 12.68 -9.17 -24.13
C THR B 355 13.58 -8.08 -23.54
N VAL B 356 13.82 -8.13 -22.24
CA VAL B 356 14.71 -7.17 -21.61
C VAL B 356 16.09 -7.18 -22.29
N HIS B 357 16.66 -8.37 -22.45
CA HIS B 357 17.99 -8.48 -23.03
C HIS B 357 18.03 -8.04 -24.48
N GLU B 358 17.04 -8.45 -25.25
CA GLU B 358 17.08 -8.19 -26.68
C GLU B 358 16.70 -6.75 -27.03
N TYR B 359 15.61 -6.26 -26.45
CA TYR B 359 15.12 -4.91 -26.77
C TYR B 359 16.07 -3.81 -26.32
N SER B 360 16.90 -4.10 -25.32
CA SER B 360 17.88 -3.14 -24.81
C SER B 360 18.77 -2.56 -25.91
N ALA B 361 18.97 -3.32 -26.98
CA ALA B 361 19.83 -2.90 -28.08
C ALA B 361 19.32 -1.61 -28.74
N LYS B 362 18.05 -1.30 -28.51
CA LYS B 362 17.49 -0.03 -29.00
C LYS B 362 18.20 1.15 -28.36
N TYR B 363 18.60 0.99 -27.09
CA TYR B 363 19.13 2.09 -26.30
C TYR B 363 20.61 1.96 -25.96
N LEU B 364 21.10 0.73 -25.90
CA LEU B 364 22.46 0.49 -25.40
C LEU B 364 23.41 0.07 -26.51
N GLY B 365 24.68 0.44 -26.36
CA GLY B 365 25.69 0.11 -27.35
C GLY B 365 25.67 1.02 -28.57
MG MG C . -25.01 -4.93 -19.69
C1 EDO D . -14.80 5.73 -18.96
O1 EDO D . -15.27 6.66 -19.93
C2 EDO D . -13.69 4.88 -19.56
O2 EDO D . -12.58 5.71 -19.94
C1 EDO E . -16.53 3.84 3.79
O1 EDO E . -15.64 3.84 4.91
C2 EDO E . -15.85 3.14 2.61
O2 EDO E . -15.49 1.81 2.98
CL CL F . -16.11 6.53 6.20
C1 EDO G . -2.79 -17.22 -13.81
O1 EDO G . -2.77 -18.60 -13.43
C2 EDO G . -3.36 -16.38 -12.66
O2 EDO G . -4.66 -16.86 -12.30
C1 EDO H . -4.60 0.59 21.39
O1 EDO H . -5.92 0.31 21.88
C2 EDO H . -4.22 -0.38 20.28
O2 EDO H . -4.27 -1.73 20.76
C1 EDO I . 19.92 4.97 13.89
O1 EDO I . 21.16 5.69 13.83
C2 EDO I . 18.86 5.80 14.61
O2 EDO I . 18.57 6.98 13.85
C1 EDO J . 12.88 -12.11 0.10
O1 EDO J . 11.91 -12.05 -0.96
C2 EDO J . 12.44 -11.16 1.21
O2 EDO J . 11.19 -11.58 1.75
CL CL K . 13.59 -12.44 -3.56
#